data_9IVY
#
_entry.id   9IVY
#
_cell.length_a   67.299
_cell.length_b   89.527
_cell.length_c   139.871
_cell.angle_alpha   90.000
_cell.angle_beta   90.000
_cell.angle_gamma   90.000
#
_symmetry.space_group_name_H-M   'P 21 21 21'
#
loop_
_entity.id
_entity.type
_entity.pdbx_description
1 polymer 'Histidinol dehydrogenase'
2 non-polymer 'ACETIC ACID'
3 non-polymer GLYCEROL
4 non-polymer 'ZINC ION'
5 non-polymer '1,4-DIHYDRONICOTINAMIDE ADENINE DINUCLEOTIDE'
6 water water
#
_entity_poly.entity_id   1
_entity_poly.type   'polypeptide(L)'
_entity_poly.pdbx_seq_one_letter_code
;MTAPFAIRRLNAADPDFGRHLDHLLSWESVSDDSVNQRVLDIIAAVRSRGDAAVVEFTQRFDGLQAASMADLILPRERLE
LALTRITVAQREALEVAAERVRSYHEKQKQGSWRYTEADGTVLGQQVTPLDRAGLYVPGGKASYPSSVLMNAIPAKVAGV
SEVVMVVPTPRGEINEIVLAAACIAGVDRVFTIGGAQAVAALAYGTESVPRVDKIVGPGNIYVATAKRHVFGQVGIDMIA
GPSEILVVCDGQTDPDWIAMDLFSQAEHDEDAQSILVSPDAAFLDRVADSIARLLPTMERAEIIRTSLEGRGALIQVADQ
AQACAVANRIAPEHLELSVADPESWLPEIRHAGAIFMGRYTAEALGDYCAGPNHVLPTSGTARFSSPLGVYDFQKRSSII
NCSAEGASVLGRTASVLARGESLTAHARSAEYRILDEKEA
;
_entity_poly.pdbx_strand_id   A,B
#
# COMPACT_ATOMS: atom_id res chain seq x y z
N ALA A 3 -42.68 20.84 5.26
CA ALA A 3 -41.48 21.66 5.37
C ALA A 3 -40.38 21.06 6.26
N PRO A 4 -40.69 20.64 7.50
CA PRO A 4 -39.62 20.17 8.38
C PRO A 4 -38.99 18.90 7.85
N PHE A 5 -37.66 18.86 7.90
CA PHE A 5 -36.95 17.70 7.39
C PHE A 5 -37.12 16.51 8.33
N ALA A 6 -37.28 15.32 7.76
CA ALA A 6 -37.48 14.09 8.53
C ALA A 6 -36.41 13.10 8.10
N ILE A 7 -35.43 12.88 8.97
CA ILE A 7 -34.33 11.98 8.65
C ILE A 7 -34.84 10.55 8.57
N ARG A 8 -34.25 9.77 7.66
CA ARG A 8 -34.62 8.38 7.53
C ARG A 8 -34.35 7.63 8.83
N ARG A 9 -35.27 6.72 9.19
CA ARG A 9 -35.21 5.98 10.45
C ARG A 9 -35.23 4.49 10.16
N LEU A 10 -34.32 3.76 10.78
CA LEU A 10 -34.28 2.30 10.67
C LEU A 10 -34.19 1.69 12.05
N ASN A 11 -34.60 0.41 12.15
CA ASN A 11 -34.67 -0.30 13.42
C ASN A 11 -34.09 -1.70 13.26
N ALA A 12 -33.05 -2.00 14.04
CA ALA A 12 -32.45 -3.34 14.02
C ALA A 12 -33.35 -4.38 14.67
N ALA A 13 -34.42 -3.98 15.35
CA ALA A 13 -35.43 -4.93 15.79
C ALA A 13 -36.34 -5.38 14.65
N ASP A 14 -36.33 -4.68 13.52
CA ASP A 14 -37.13 -5.11 12.37
C ASP A 14 -36.47 -6.33 11.73
N PRO A 15 -37.21 -7.38 11.41
CA PRO A 15 -36.60 -8.54 10.75
C PRO A 15 -35.97 -8.23 9.41
N ASP A 16 -36.44 -7.19 8.71
CA ASP A 16 -35.90 -6.84 7.41
C ASP A 16 -34.75 -5.84 7.48
N PHE A 17 -34.25 -5.53 8.68
CA PHE A 17 -33.30 -4.43 8.86
C PHE A 17 -32.07 -4.60 7.97
N GLY A 18 -31.54 -5.82 7.88
CA GLY A 18 -30.29 -6.02 7.14
C GLY A 18 -30.39 -5.62 5.68
N ARG A 19 -31.54 -5.83 5.06
CA ARG A 19 -31.71 -5.47 3.65
C ARG A 19 -31.64 -3.94 3.48
N HIS A 20 -32.33 -3.20 4.35
CA HIS A 20 -32.27 -1.74 4.27
C HIS A 20 -30.86 -1.23 4.53
N LEU A 21 -30.18 -1.79 5.52
CA LEU A 21 -28.81 -1.39 5.80
C LEU A 21 -27.88 -1.71 4.64
N ASP A 22 -28.04 -2.90 4.04
CA ASP A 22 -27.28 -3.22 2.84
C ASP A 22 -27.51 -2.20 1.74
N HIS A 23 -28.75 -1.76 1.56
CA HIS A 23 -29.05 -0.79 0.53
C HIS A 23 -28.50 0.60 0.89
N LEU A 24 -28.62 0.99 2.15
CA LEU A 24 -28.06 2.27 2.58
C LEU A 24 -26.57 2.35 2.30
N LEU A 25 -25.85 1.25 2.54
CA LEU A 25 -24.40 1.24 2.34
C LEU A 25 -24.01 1.01 0.89
N SER A 26 -24.87 0.40 0.09
CA SER A 26 -24.56 0.15 -1.32
C SER A 26 -25.11 1.21 -2.25
N TRP A 27 -26.15 1.94 -1.84
CA TRP A 27 -26.82 2.88 -2.73
C TRP A 27 -25.82 3.90 -3.28
N GLU A 28 -25.87 4.09 -4.59
CA GLU A 28 -25.02 5.05 -5.29
C GLU A 28 -25.87 5.82 -6.28
N SER A 29 -25.46 7.07 -6.55
CA SER A 29 -26.20 7.92 -7.47
C SER A 29 -25.67 7.81 -8.90
N VAL A 30 -24.36 7.99 -9.08
CA VAL A 30 -23.71 7.81 -10.36
C VAL A 30 -22.96 6.48 -10.28
N SER A 31 -23.37 5.54 -11.13
CA SER A 31 -22.80 4.20 -11.13
C SER A 31 -21.28 4.26 -11.20
N ASP A 32 -20.63 3.37 -10.46
CA ASP A 32 -19.18 3.34 -10.43
C ASP A 32 -18.61 3.00 -11.82
N ASP A 33 -19.37 2.27 -12.63
CA ASP A 33 -18.94 2.00 -14.00
C ASP A 33 -19.04 3.23 -14.89
N SER A 34 -20.06 4.07 -14.66
CA SER A 34 -20.16 5.33 -15.41
C SER A 34 -18.98 6.23 -15.10
N VAL A 35 -18.63 6.36 -13.81
CA VAL A 35 -17.46 7.13 -13.41
C VAL A 35 -16.19 6.45 -13.93
N ASN A 36 -16.15 5.12 -13.91
CA ASN A 36 -14.95 4.39 -14.30
C ASN A 36 -14.59 4.66 -15.76
N GLN A 37 -15.57 4.56 -16.66
CA GLN A 37 -15.31 4.83 -18.07
C GLN A 37 -14.87 6.27 -18.27
N ARG A 38 -15.51 7.21 -17.59
CA ARG A 38 -15.13 8.62 -17.72
C ARG A 38 -13.70 8.84 -17.24
N VAL A 39 -13.34 8.27 -16.10
CA VAL A 39 -11.99 8.44 -15.56
C VAL A 39 -10.96 7.81 -16.49
N LEU A 40 -11.24 6.59 -16.98
CA LEU A 40 -10.30 5.93 -17.88
C LEU A 40 -10.12 6.71 -19.18
N ASP A 41 -11.21 7.24 -19.74
CA ASP A 41 -11.11 8.01 -20.96
C ASP A 41 -10.36 9.33 -20.75
N ILE A 42 -10.55 9.95 -19.58
CA ILE A 42 -9.82 11.17 -19.27
C ILE A 42 -8.33 10.89 -19.15
N ILE A 43 -7.97 9.81 -18.46
CA ILE A 43 -6.57 9.42 -18.32
C ILE A 43 -5.96 9.18 -19.69
N ALA A 44 -6.66 8.43 -20.54
CA ALA A 44 -6.14 8.18 -21.88
C ALA A 44 -6.00 9.49 -22.65
N ALA A 45 -6.94 10.41 -22.47
CA ALA A 45 -6.87 11.67 -23.20
C ALA A 45 -5.73 12.55 -22.69
N VAL A 46 -5.39 12.47 -21.41
CA VAL A 46 -4.32 13.30 -20.87
C VAL A 46 -2.96 12.81 -21.35
N ARG A 47 -2.76 11.50 -21.39
CA ARG A 47 -1.52 10.95 -21.95
C ARG A 47 -1.39 11.26 -23.43
N SER A 48 -2.51 11.26 -24.15
CA SER A 48 -2.46 11.43 -25.60
C SER A 48 -2.18 12.88 -25.98
N ARG A 49 -2.88 13.81 -25.36
CA ARG A 49 -2.85 15.21 -25.80
C ARG A 49 -2.18 16.13 -24.79
N GLY A 50 -1.80 15.65 -23.62
CA GLY A 50 -1.05 16.46 -22.67
C GLY A 50 -1.81 17.68 -22.23
N ASP A 51 -1.11 18.82 -22.20
CA ASP A 51 -1.68 20.08 -21.71
C ASP A 51 -3.03 20.38 -22.34
N ALA A 52 -3.17 20.12 -23.64
CA ALA A 52 -4.40 20.46 -24.36
C ALA A 52 -5.60 19.78 -23.71
N ALA A 53 -5.47 18.51 -23.34
CA ALA A 53 -6.56 17.83 -22.65
C ALA A 53 -6.79 18.42 -21.26
N VAL A 54 -5.70 18.73 -20.54
CA VAL A 54 -5.83 19.28 -19.20
C VAL A 54 -6.61 20.60 -19.22
N VAL A 55 -6.36 21.43 -20.22
CA VAL A 55 -7.04 22.72 -20.31
C VAL A 55 -8.50 22.51 -20.68
N GLU A 56 -8.77 21.61 -21.63
CA GLU A 56 -10.14 21.38 -22.05
C GLU A 56 -11.00 20.84 -20.91
N PHE A 57 -10.47 19.87 -20.14
CA PHE A 57 -11.25 19.32 -19.04
C PHE A 57 -11.39 20.34 -17.91
N THR A 58 -10.36 21.15 -17.67
CA THR A 58 -10.49 22.22 -16.68
C THR A 58 -11.61 23.17 -17.06
N GLN A 59 -11.70 23.53 -18.35
CA GLN A 59 -12.77 24.42 -18.80
C GLN A 59 -14.14 23.77 -18.65
N ARG A 60 -14.24 22.48 -18.95
CA ARG A 60 -15.56 21.85 -18.90
C ARG A 60 -16.02 21.63 -17.47
N PHE A 61 -15.16 21.11 -16.60
CA PHE A 61 -15.58 20.66 -15.28
C PHE A 61 -15.42 21.72 -14.20
N ASP A 62 -14.49 22.65 -14.36
CA ASP A 62 -14.30 23.71 -13.39
C ASP A 62 -14.95 25.02 -13.80
N GLY A 63 -15.54 25.09 -15.00
CA GLY A 63 -16.18 26.29 -15.48
C GLY A 63 -15.26 27.50 -15.48
N LEU A 64 -14.08 27.33 -16.07
CA LEU A 64 -13.01 28.33 -15.96
C LEU A 64 -12.40 28.51 -17.34
N GLN A 65 -12.59 29.69 -17.92
CA GLN A 65 -11.95 30.01 -19.19
C GLN A 65 -10.44 30.13 -18.99
N ALA A 66 -9.69 29.44 -19.82
CA ALA A 66 -8.23 29.45 -19.71
C ALA A 66 -7.64 29.35 -21.11
N ALA A 67 -6.83 30.35 -21.50
CA ALA A 67 -6.25 30.36 -22.82
C ALA A 67 -5.19 29.28 -22.99
N SER A 68 -4.32 29.13 -22.00
CA SER A 68 -3.22 28.18 -22.08
C SER A 68 -3.02 27.52 -20.72
N MET A 69 -2.21 26.46 -20.73
CA MET A 69 -1.76 25.84 -19.48
C MET A 69 -1.11 26.85 -18.56
N ALA A 70 -0.48 27.89 -19.14
CA ALA A 70 0.21 28.89 -18.34
C ALA A 70 -0.74 29.65 -17.43
N ASP A 71 -2.00 29.79 -17.82
CA ASP A 71 -2.96 30.48 -16.97
C ASP A 71 -3.44 29.63 -15.81
N LEU A 72 -3.07 28.35 -15.77
CA LEU A 72 -3.44 27.44 -14.70
C LEU A 72 -2.28 27.15 -13.75
N ILE A 73 -1.12 27.73 -14.00
CA ILE A 73 0.05 27.59 -13.12
C ILE A 73 0.07 28.77 -12.17
N LEU A 74 0.07 28.49 -10.86
CA LEU A 74 0.10 29.53 -9.83
C LEU A 74 1.51 29.67 -9.29
N PRO A 75 2.14 30.83 -9.43
CA PRO A 75 3.48 31.01 -8.87
C PRO A 75 3.49 30.84 -7.36
N ARG A 76 4.65 30.48 -6.83
CA ARG A 76 4.82 30.36 -5.39
C ARG A 76 4.60 31.70 -4.69
N GLU A 77 4.84 32.81 -5.39
CA GLU A 77 4.61 34.12 -4.80
C GLU A 77 3.13 34.39 -4.55
N ARG A 78 2.25 33.80 -5.36
CA ARG A 78 0.82 33.89 -5.06
C ARG A 78 0.47 33.21 -3.75
N LEU A 79 1.24 32.18 -3.37
CA LEU A 79 1.06 31.53 -2.07
C LEU A 79 1.48 32.46 -0.94
N GLU A 80 2.58 33.19 -1.13
CA GLU A 80 2.99 34.19 -0.15
C GLU A 80 1.97 35.31 -0.05
N LEU A 81 1.37 35.69 -1.18
CA LEU A 81 0.30 36.68 -1.14
C LEU A 81 -0.88 36.18 -0.31
N ALA A 82 -1.26 34.92 -0.51
CA ALA A 82 -2.38 34.35 0.24
C ALA A 82 -2.14 34.44 1.73
N LEU A 83 -0.92 34.16 2.18
CA LEU A 83 -0.59 34.28 3.60
C LEU A 83 -0.79 35.70 4.10
N THR A 84 -0.72 36.69 3.20
CA THR A 84 -0.97 38.08 3.56
C THR A 84 -2.45 38.39 3.71
N ARG A 85 -3.32 37.71 2.96
CA ARG A 85 -4.72 38.11 2.88
C ARG A 85 -5.63 37.44 3.90
N ILE A 86 -5.12 36.50 4.70
CA ILE A 86 -5.96 35.85 5.69
C ILE A 86 -5.86 36.59 7.01
N THR A 87 -6.80 36.31 7.91
CA THR A 87 -6.87 37.01 9.19
C THR A 87 -5.74 36.58 10.10
N VAL A 88 -5.45 37.44 11.09
CA VAL A 88 -4.40 37.14 12.07
C VAL A 88 -4.68 35.82 12.76
N ALA A 89 -5.94 35.59 13.16
CA ALA A 89 -6.27 34.38 13.90
C ALA A 89 -6.12 33.14 13.02
N GLN A 90 -6.48 33.23 11.74
CA GLN A 90 -6.32 32.08 10.85
C GLN A 90 -4.85 31.76 10.65
N ARG A 91 -4.01 32.79 10.50
CA ARG A 91 -2.58 32.56 10.27
C ARG A 91 -1.94 31.87 11.47
N GLU A 92 -2.22 32.36 12.68
CA GLU A 92 -1.64 31.74 13.86
C GLU A 92 -2.13 30.31 14.04
N ALA A 93 -3.38 30.02 13.66
CA ALA A 93 -3.87 28.64 13.73
C ALA A 93 -3.10 27.74 12.78
N LEU A 94 -2.77 28.25 11.58
CA LEU A 94 -2.04 27.45 10.61
C LEU A 94 -0.57 27.31 11.02
N GLU A 95 0.03 28.41 11.50
CA GLU A 95 1.44 28.38 11.87
C GLU A 95 1.66 27.51 13.11
N VAL A 96 0.75 27.58 14.08
CA VAL A 96 0.89 26.78 15.29
C VAL A 96 0.74 25.29 14.97
N ALA A 97 -0.24 24.94 14.14
CA ALA A 97 -0.38 23.55 13.71
C ALA A 97 0.85 23.11 12.91
N ALA A 98 1.39 24.02 12.08
CA ALA A 98 2.53 23.64 11.25
C ALA A 98 3.75 23.35 12.10
N GLU A 99 3.96 24.10 13.19
CA GLU A 99 5.09 23.82 14.06
C GLU A 99 4.97 22.44 14.67
N ARG A 100 3.76 22.06 15.10
CA ARG A 100 3.59 20.75 15.73
C ARG A 100 3.72 19.63 14.71
N VAL A 101 3.17 19.82 13.52
CA VAL A 101 3.33 18.81 12.46
C VAL A 101 4.80 18.68 12.08
N ARG A 102 5.51 19.81 11.94
CA ARG A 102 6.90 19.75 11.50
C ARG A 102 7.80 19.20 12.60
N SER A 103 7.59 19.63 13.84
CA SER A 103 8.35 19.09 14.97
C SER A 103 8.19 17.57 15.06
N TYR A 104 6.95 17.09 14.90
CA TYR A 104 6.67 15.66 15.00
C TYR A 104 7.42 14.88 13.93
N HIS A 105 7.34 15.33 12.67
CA HIS A 105 7.95 14.56 11.59
C HIS A 105 9.48 14.61 11.65
N GLU A 106 10.03 15.71 12.15
CA GLU A 106 11.48 15.80 12.34
C GLU A 106 11.97 14.74 13.33
N LYS A 107 11.19 14.47 14.37
CA LYS A 107 11.59 13.46 15.34
C LYS A 107 11.40 12.05 14.82
N GLN A 108 10.45 11.85 13.91
CA GLN A 108 10.13 10.53 13.40
C GLN A 108 11.00 10.13 12.21
N LYS A 109 11.68 11.09 11.58
CA LYS A 109 12.42 10.80 10.36
C LYS A 109 13.53 9.81 10.61
N GLN A 110 13.66 8.83 9.72
CA GLN A 110 14.74 7.86 9.76
C GLN A 110 15.46 7.87 8.43
N GLY A 111 16.79 7.73 8.49
CA GLY A 111 17.62 7.74 7.30
C GLY A 111 18.20 6.37 7.00
N SER A 112 19.18 6.37 6.09
CA SER A 112 19.89 5.15 5.77
C SER A 112 20.60 4.62 7.01
N TRP A 113 20.71 3.29 7.10
CA TRP A 113 21.34 2.66 8.25
C TRP A 113 22.09 1.41 7.80
N ARG A 114 23.06 1.02 8.62
CA ARG A 114 23.80 -0.22 8.45
C ARG A 114 24.01 -0.85 9.82
N TYR A 115 23.92 -2.17 9.88
CA TYR A 115 24.24 -2.92 11.09
C TYR A 115 25.19 -4.05 10.71
N THR A 116 26.25 -4.23 11.50
CA THR A 116 27.24 -5.26 11.25
C THR A 116 27.03 -6.39 12.24
N GLU A 117 26.67 -7.57 11.73
CA GLU A 117 26.51 -8.74 12.57
C GLU A 117 27.87 -9.23 13.08
N ALA A 118 27.82 -10.10 14.07
CA ALA A 118 29.03 -10.60 14.70
C ALA A 118 29.91 -11.39 13.72
N ASP A 119 29.34 -11.97 12.66
CA ASP A 119 30.11 -12.74 11.70
C ASP A 119 30.65 -11.88 10.56
N GLY A 120 30.48 -10.56 10.61
CA GLY A 120 30.96 -9.66 9.58
C GLY A 120 29.92 -9.20 8.58
N THR A 121 28.82 -9.95 8.45
CA THR A 121 27.73 -9.57 7.55
C THR A 121 27.18 -8.20 7.90
N VAL A 122 26.98 -7.39 6.86
CA VAL A 122 26.37 -6.07 7.02
C VAL A 122 24.98 -6.10 6.38
N LEU A 123 24.00 -5.58 7.10
CA LEU A 123 22.64 -5.44 6.61
C LEU A 123 22.22 -3.99 6.81
N GLY A 124 21.25 -3.54 6.01
CA GLY A 124 20.78 -2.18 6.18
C GLY A 124 19.80 -1.78 5.10
N GLN A 125 19.57 -0.47 5.01
CA GLN A 125 18.71 0.12 4.00
C GLN A 125 19.33 1.44 3.56
N GLN A 126 19.30 1.69 2.26
CA GLN A 126 19.67 2.99 1.71
C GLN A 126 18.39 3.77 1.48
N VAL A 127 18.22 4.85 2.23
CA VAL A 127 16.99 5.63 2.22
C VAL A 127 17.23 6.90 1.41
N THR A 128 16.36 7.14 0.43
CA THR A 128 16.46 8.28 -0.45
C THR A 128 15.12 8.98 -0.52
N PRO A 129 15.07 10.31 -0.42
CA PRO A 129 13.80 11.01 -0.58
C PRO A 129 13.29 10.89 -2.01
N LEU A 130 11.98 10.72 -2.15
CA LEU A 130 11.35 10.77 -3.45
C LEU A 130 11.69 12.09 -4.14
N ASP A 131 11.79 12.06 -5.47
CA ASP A 131 12.13 13.27 -6.20
C ASP A 131 10.99 14.28 -6.17
N ARG A 132 9.77 13.82 -6.45
CA ARG A 132 8.62 14.69 -6.61
C ARG A 132 7.40 14.03 -5.98
N ALA A 133 6.61 14.82 -5.27
CA ALA A 133 5.34 14.37 -4.72
C ALA A 133 4.23 15.29 -5.20
N GLY A 134 3.07 14.71 -5.46
CA GLY A 134 1.89 15.47 -5.89
C GLY A 134 0.83 15.41 -4.81
N LEU A 135 0.21 16.54 -4.53
CA LEU A 135 -0.76 16.65 -3.47
C LEU A 135 -2.07 17.18 -4.04
N TYR A 136 -3.14 16.39 -3.90
CA TYR A 136 -4.46 16.82 -4.34
C TYR A 136 -5.17 17.52 -3.20
N VAL A 137 -5.78 18.66 -3.51
CA VAL A 137 -6.53 19.46 -2.56
C VAL A 137 -7.82 19.89 -3.25
N PRO A 138 -8.98 19.55 -2.70
CA PRO A 138 -10.24 19.95 -3.34
C PRO A 138 -10.37 21.45 -3.45
N GLY A 139 -11.11 21.89 -4.46
CA GLY A 139 -11.28 23.31 -4.71
C GLY A 139 -12.44 23.90 -3.93
N GLY A 140 -12.49 25.23 -3.93
CA GLY A 140 -13.53 25.95 -3.19
C GLY A 140 -13.26 25.94 -1.69
N LYS A 141 -14.35 26.12 -0.94
CA LYS A 141 -14.28 26.26 0.52
C LYS A 141 -14.23 24.93 1.26
N ALA A 142 -14.87 23.89 0.73
CA ALA A 142 -14.88 22.59 1.41
C ALA A 142 -13.54 21.87 1.22
N SER A 143 -12.50 22.50 1.73
CA SER A 143 -11.12 22.03 1.56
C SER A 143 -10.37 22.23 2.85
N TYR A 144 -9.93 21.15 3.48
CA TYR A 144 -9.24 21.26 4.76
C TYR A 144 -7.81 21.73 4.54
N PRO A 145 -7.40 22.88 5.08
CA PRO A 145 -5.98 23.25 5.02
C PRO A 145 -5.10 22.29 5.79
N SER A 146 -5.65 21.64 6.83
CA SER A 146 -4.89 20.66 7.57
C SER A 146 -4.45 19.51 6.67
N SER A 147 -5.20 19.24 5.60
CA SER A 147 -4.77 18.23 4.64
C SER A 147 -3.50 18.67 3.90
N VAL A 148 -3.36 19.96 3.64
CA VAL A 148 -2.14 20.48 3.03
C VAL A 148 -0.98 20.38 4.02
N LEU A 149 -1.18 20.83 5.26
CA LEU A 149 -0.12 20.75 6.26
C LEU A 149 0.30 19.31 6.52
N MET A 150 -0.66 18.39 6.66
CA MET A 150 -0.34 17.01 7.00
C MET A 150 0.35 16.26 5.88
N ASN A 151 0.18 16.69 4.62
CA ASN A 151 0.78 15.98 3.50
C ASN A 151 2.06 16.63 2.99
N ALA A 152 2.10 17.96 2.83
CA ALA A 152 3.27 18.59 2.24
C ALA A 152 4.44 18.68 3.22
N ILE A 153 4.16 18.82 4.51
CA ILE A 153 5.23 19.03 5.50
C ILE A 153 6.07 17.77 5.66
N PRO A 154 5.49 16.57 5.87
CA PRO A 154 6.35 15.38 5.97
C PRO A 154 7.13 15.12 4.69
N ALA A 155 6.58 15.50 3.53
CA ALA A 155 7.31 15.34 2.28
C ALA A 155 8.53 16.26 2.23
N LYS A 156 8.38 17.50 2.69
CA LYS A 156 9.53 18.39 2.75
C LYS A 156 10.54 17.92 3.79
N VAL A 157 10.07 17.53 4.98
CA VAL A 157 10.97 17.02 6.01
C VAL A 157 11.73 15.80 5.48
N ALA A 158 11.07 14.96 4.69
CA ALA A 158 11.74 13.82 4.08
C ALA A 158 12.82 14.25 3.09
N GLY A 159 12.72 15.46 2.55
CA GLY A 159 13.65 15.92 1.56
C GLY A 159 13.16 15.85 0.13
N VAL A 160 11.86 15.69 -0.10
CA VAL A 160 11.33 15.71 -1.45
C VAL A 160 11.59 17.08 -2.06
N SER A 161 12.22 17.10 -3.24
CA SER A 161 12.71 18.35 -3.79
C SER A 161 11.59 19.21 -4.36
N GLU A 162 10.54 18.62 -4.91
CA GLU A 162 9.47 19.36 -5.54
C GLU A 162 8.14 18.77 -5.10
N VAL A 163 7.42 19.49 -4.24
CA VAL A 163 6.07 19.12 -3.85
C VAL A 163 5.09 19.96 -4.65
N VAL A 164 4.27 19.29 -5.46
CA VAL A 164 3.34 19.94 -6.37
C VAL A 164 1.92 19.77 -5.87
N MET A 165 1.21 20.88 -5.74
CA MET A 165 -0.20 20.89 -5.37
C MET A 165 -1.08 21.10 -6.61
N VAL A 166 -2.14 20.32 -6.70
CA VAL A 166 -3.18 20.55 -7.69
C VAL A 166 -4.46 20.89 -6.92
N VAL A 167 -5.06 22.03 -7.22
CA VAL A 167 -6.31 22.45 -6.60
C VAL A 167 -7.18 23.13 -7.65
N PRO A 168 -8.35 22.58 -7.97
CA PRO A 168 -9.21 23.24 -8.95
C PRO A 168 -9.78 24.54 -8.41
N THR A 169 -9.97 25.50 -9.30
CA THR A 169 -10.57 26.79 -8.94
C THR A 169 -11.93 26.88 -9.62
N PRO A 170 -12.99 26.33 -9.00
CA PRO A 170 -14.30 26.33 -9.65
C PRO A 170 -14.80 27.74 -9.92
N ARG A 171 -15.07 28.02 -11.20
CA ARG A 171 -15.47 29.35 -11.65
C ARG A 171 -14.43 30.40 -11.28
N GLY A 172 -13.17 29.98 -11.16
CA GLY A 172 -12.09 30.89 -10.82
C GLY A 172 -11.96 31.21 -9.35
N GLU A 173 -12.68 30.52 -8.47
CA GLU A 173 -12.65 30.84 -7.06
C GLU A 173 -11.41 30.28 -6.38
N ILE A 174 -10.77 31.10 -5.55
CA ILE A 174 -9.58 30.72 -4.80
C ILE A 174 -9.94 30.65 -3.33
N ASN A 175 -9.34 29.67 -2.63
CA ASN A 175 -9.45 29.56 -1.18
C ASN A 175 -8.12 30.04 -0.60
N GLU A 176 -8.12 31.28 -0.08
CA GLU A 176 -6.89 31.90 0.38
C GLU A 176 -6.30 31.19 1.60
N ILE A 177 -7.14 30.65 2.48
CA ILE A 177 -6.62 29.90 3.62
C ILE A 177 -5.88 28.65 3.16
N VAL A 178 -6.42 27.97 2.14
CA VAL A 178 -5.77 26.79 1.59
C VAL A 178 -4.44 27.16 0.95
N LEU A 179 -4.43 28.25 0.16
CA LEU A 179 -3.19 28.68 -0.48
C LEU A 179 -2.16 29.13 0.54
N ALA A 180 -2.61 29.77 1.62
CA ALA A 180 -1.68 30.15 2.68
C ALA A 180 -1.11 28.92 3.37
N ALA A 181 -1.95 27.93 3.66
CA ALA A 181 -1.44 26.69 4.24
C ALA A 181 -0.40 26.04 3.34
N ALA A 182 -0.57 26.15 2.02
CA ALA A 182 0.43 25.63 1.10
C ALA A 182 1.72 26.43 1.18
N CYS A 183 1.63 27.74 1.42
CA CYS A 183 2.83 28.55 1.61
C CYS A 183 3.57 28.10 2.86
N ILE A 184 2.85 27.97 3.97
CA ILE A 184 3.45 27.51 5.23
C ILE A 184 4.01 26.10 5.08
N ALA A 185 3.32 25.23 4.33
CA ALA A 185 3.71 23.84 4.26
C ALA A 185 4.90 23.59 3.34
N GLY A 186 5.31 24.57 2.54
CA GLY A 186 6.45 24.39 1.66
C GLY A 186 6.10 23.82 0.30
N VAL A 187 4.87 24.02 -0.17
CA VAL A 187 4.50 23.62 -1.52
C VAL A 187 5.29 24.46 -2.51
N ASP A 188 5.92 23.81 -3.48
CA ASP A 188 6.80 24.50 -4.42
C ASP A 188 6.06 25.07 -5.61
N ARG A 189 5.08 24.33 -6.15
CA ARG A 189 4.34 24.74 -7.34
C ARG A 189 2.87 24.37 -7.17
N VAL A 190 1.99 25.15 -7.81
CA VAL A 190 0.55 24.94 -7.73
C VAL A 190 -0.03 25.01 -9.14
N PHE A 191 -0.90 24.05 -9.46
CA PHE A 191 -1.65 24.04 -10.72
C PHE A 191 -3.13 24.04 -10.39
N THR A 192 -3.89 24.95 -11.00
CA THR A 192 -5.32 25.07 -10.71
C THR A 192 -6.11 24.12 -11.61
N ILE A 193 -5.91 22.83 -11.34
CA ILE A 193 -6.55 21.74 -12.06
C ILE A 193 -7.04 20.71 -11.04
N GLY A 194 -7.97 19.87 -11.48
CA GLY A 194 -8.61 18.93 -10.57
C GLY A 194 -9.12 17.66 -11.21
N GLY A 195 -9.82 16.83 -10.44
CA GLY A 195 -10.46 15.66 -11.00
C GLY A 195 -9.49 14.60 -11.49
N ALA A 196 -10.01 13.73 -12.35
CA ALA A 196 -9.19 12.65 -12.89
C ALA A 196 -8.07 13.18 -13.78
N GLN A 197 -8.29 14.31 -14.44
CA GLN A 197 -7.27 14.85 -15.34
C GLN A 197 -6.08 15.42 -14.56
N ALA A 198 -6.32 15.93 -13.34
CA ALA A 198 -5.19 16.35 -12.51
C ALA A 198 -4.36 15.16 -12.04
N VAL A 199 -5.04 14.09 -11.60
CA VAL A 199 -4.34 12.88 -11.20
C VAL A 199 -3.57 12.29 -12.36
N ALA A 200 -4.19 12.26 -13.55
CA ALA A 200 -3.52 11.68 -14.71
C ALA A 200 -2.32 12.52 -15.13
N ALA A 201 -2.42 13.85 -15.03
CA ALA A 201 -1.29 14.70 -15.40
C ALA A 201 -0.12 14.50 -14.46
N LEU A 202 -0.38 14.33 -13.16
CA LEU A 202 0.70 14.10 -12.21
C LEU A 202 1.30 12.71 -12.39
N ALA A 203 0.47 11.72 -12.72
CA ALA A 203 0.94 10.34 -12.78
C ALA A 203 1.87 10.12 -13.97
N TYR A 204 1.56 10.74 -15.11
CA TYR A 204 2.29 10.49 -16.34
C TYR A 204 3.07 11.68 -16.85
N GLY A 205 2.74 12.89 -16.40
CA GLY A 205 3.42 14.09 -16.87
C GLY A 205 2.81 14.63 -18.15
N THR A 206 2.74 15.94 -18.26
CA THR A 206 2.41 16.62 -19.51
C THR A 206 3.55 17.58 -19.84
N GLU A 207 3.34 18.44 -20.84
CA GLU A 207 4.34 19.43 -21.19
C GLU A 207 4.66 20.33 -20.00
N SER A 208 3.64 20.77 -19.28
CA SER A 208 3.79 21.72 -18.18
C SER A 208 3.64 21.09 -16.80
N VAL A 209 2.97 19.95 -16.69
CA VAL A 209 2.78 19.26 -15.41
C VAL A 209 3.87 18.20 -15.28
N PRO A 210 4.72 18.26 -14.26
CA PRO A 210 5.75 17.23 -14.11
C PRO A 210 5.16 15.92 -13.59
N ARG A 211 5.73 14.82 -14.07
CA ARG A 211 5.44 13.51 -13.51
C ARG A 211 6.01 13.42 -12.10
N VAL A 212 5.17 13.08 -11.13
CA VAL A 212 5.59 12.96 -9.76
C VAL A 212 5.73 11.48 -9.43
N ASP A 213 6.37 11.19 -8.30
CA ASP A 213 6.57 9.81 -7.87
C ASP A 213 5.46 9.29 -6.97
N LYS A 214 4.71 10.18 -6.32
CA LYS A 214 3.63 9.76 -5.45
C LYS A 214 2.54 10.82 -5.44
N ILE A 215 1.30 10.38 -5.41
CA ILE A 215 0.14 11.26 -5.37
C ILE A 215 -0.61 11.00 -4.07
N VAL A 216 -0.91 12.06 -3.34
CA VAL A 216 -1.56 11.98 -2.03
C VAL A 216 -2.70 12.98 -1.96
N GLY A 217 -3.54 12.82 -0.94
CA GLY A 217 -4.57 13.79 -0.66
C GLY A 217 -5.98 13.31 -0.93
N PRO A 218 -6.97 14.03 -0.38
CA PRO A 218 -8.36 13.59 -0.46
C PRO A 218 -9.09 14.16 -1.67
N GLY A 219 -9.99 13.34 -2.23
CA GLY A 219 -10.81 13.78 -3.34
C GLY A 219 -12.03 12.90 -3.50
N ASN A 220 -12.98 13.37 -4.29
CA ASN A 220 -14.23 12.63 -4.46
C ASN A 220 -14.03 11.38 -5.32
N ILE A 221 -15.13 10.84 -5.85
CA ILE A 221 -15.07 9.55 -6.52
C ILE A 221 -14.17 9.61 -7.76
N TYR A 222 -14.16 10.74 -8.46
CA TYR A 222 -13.33 10.86 -9.65
C TYR A 222 -11.85 10.82 -9.29
N VAL A 223 -11.47 11.52 -8.22
CA VAL A 223 -10.07 11.50 -7.78
C VAL A 223 -9.69 10.09 -7.30
N ALA A 224 -10.57 9.47 -6.50
CA ALA A 224 -10.26 8.17 -5.93
C ALA A 224 -10.19 7.09 -7.01
N THR A 225 -11.10 7.16 -7.98
CA THR A 225 -11.08 6.20 -9.08
C THR A 225 -9.85 6.39 -9.96
N ALA A 226 -9.48 7.65 -10.23
CA ALA A 226 -8.26 7.92 -10.98
C ALA A 226 -7.03 7.40 -10.24
N LYS A 227 -7.02 7.52 -8.91
CA LYS A 227 -5.91 7.01 -8.12
C LYS A 227 -5.80 5.50 -8.22
N ARG A 228 -6.93 4.80 -8.19
CA ARG A 228 -6.89 3.36 -8.37
C ARG A 228 -6.27 2.99 -9.71
N HIS A 229 -6.61 3.74 -10.76
CA HIS A 229 -6.15 3.39 -12.10
C HIS A 229 -4.70 3.78 -12.36
N VAL A 230 -4.19 4.82 -11.69
CA VAL A 230 -2.79 5.22 -11.85
C VAL A 230 -1.87 4.46 -10.90
N PHE A 231 -2.42 3.64 -10.01
CA PHE A 231 -1.60 2.81 -9.13
C PHE A 231 -0.76 1.86 -9.97
N GLY A 232 0.55 1.90 -9.77
CA GLY A 232 1.47 1.17 -10.62
C GLY A 232 2.35 2.13 -11.38
N GLN A 233 1.73 3.07 -12.10
CA GLN A 233 2.50 4.12 -12.74
C GLN A 233 3.08 5.10 -11.72
N VAL A 234 2.43 5.21 -10.56
CA VAL A 234 2.82 6.19 -9.56
C VAL A 234 2.38 5.68 -8.20
N GLY A 235 3.16 6.02 -7.18
CA GLY A 235 2.75 5.72 -5.81
C GLY A 235 1.55 6.55 -5.39
N ILE A 236 0.72 5.98 -4.52
CA ILE A 236 -0.44 6.68 -3.99
C ILE A 236 -0.53 6.39 -2.50
N ASP A 237 -1.13 7.33 -1.76
CA ASP A 237 -1.34 7.10 -0.34
C ASP A 237 -2.39 6.01 -0.17
N MET A 238 -3.62 6.40 0.16
CA MET A 238 -4.74 5.50 0.19
C MET A 238 -5.81 6.01 -0.76
N ILE A 239 -6.61 5.09 -1.33
CA ILE A 239 -7.64 5.49 -2.27
C ILE A 239 -8.59 6.51 -1.65
N ALA A 240 -8.77 6.45 -0.32
CA ALA A 240 -9.63 7.36 0.45
C ALA A 240 -11.10 7.10 0.13
N GLY A 241 -11.89 6.84 1.18
CA GLY A 241 -13.28 6.51 1.01
C GLY A 241 -14.17 7.74 0.93
N PRO A 242 -15.48 7.51 0.79
CA PRO A 242 -16.42 8.65 0.78
C PRO A 242 -16.49 9.31 2.14
N SER A 243 -16.81 10.60 2.14
CA SER A 243 -16.99 11.33 3.39
C SER A 243 -18.05 10.64 4.22
N GLU A 244 -17.67 10.13 5.38
CA GLU A 244 -18.55 9.25 6.14
C GLU A 244 -18.31 9.44 7.63
N ILE A 245 -19.39 9.47 8.41
CA ILE A 245 -19.31 9.46 9.86
C ILE A 245 -20.34 8.48 10.39
N LEU A 246 -19.91 7.63 11.33
CA LEU A 246 -20.83 6.85 12.15
C LEU A 246 -20.74 7.36 13.58
N VAL A 247 -21.86 7.85 14.09
CA VAL A 247 -21.97 8.29 15.48
C VAL A 247 -22.72 7.20 16.23
N VAL A 248 -22.12 6.71 17.30
CA VAL A 248 -22.75 5.74 18.20
C VAL A 248 -22.93 6.43 19.54
N CYS A 249 -24.17 6.48 20.03
CA CYS A 249 -24.48 7.24 21.24
C CYS A 249 -25.33 6.41 22.19
N ASP A 250 -25.03 6.51 23.48
CA ASP A 250 -25.83 5.83 24.49
C ASP A 250 -27.09 6.61 24.84
N GLY A 251 -27.29 7.78 24.25
CA GLY A 251 -28.45 8.61 24.53
C GLY A 251 -28.23 9.69 25.56
N GLN A 252 -27.03 9.83 26.11
CA GLN A 252 -26.75 10.81 27.15
C GLN A 252 -25.90 11.98 26.62
N THR A 253 -25.86 12.17 25.30
CA THR A 253 -25.24 13.36 24.73
C THR A 253 -26.34 14.31 24.29
N ASP A 254 -26.11 15.62 24.48
CA ASP A 254 -26.95 16.69 23.97
C ASP A 254 -27.37 16.36 22.55
N PRO A 255 -28.67 16.36 22.25
CA PRO A 255 -29.10 15.98 20.89
C PRO A 255 -28.70 17.01 19.85
N ASP A 256 -28.56 18.29 20.22
CA ASP A 256 -28.09 19.28 19.26
C ASP A 256 -26.65 19.02 18.85
N TRP A 257 -25.83 18.54 19.79
CA TRP A 257 -24.44 18.22 19.48
C TRP A 257 -24.36 17.09 18.46
N ILE A 258 -25.14 16.04 18.67
CA ILE A 258 -25.13 14.90 17.76
C ILE A 258 -25.62 15.31 16.39
N ALA A 259 -26.70 16.10 16.34
CA ALA A 259 -27.17 16.63 15.06
C ALA A 259 -26.08 17.42 14.35
N MET A 260 -25.40 18.30 15.07
CA MET A 260 -24.33 19.10 14.46
C MET A 260 -23.17 18.21 14.01
N ASP A 261 -22.83 17.19 14.82
CA ASP A 261 -21.79 16.24 14.42
C ASP A 261 -22.15 15.54 13.13
N LEU A 262 -23.42 15.17 12.97
CA LEU A 262 -23.85 14.58 11.71
C LEU A 262 -23.83 15.61 10.58
N PHE A 263 -24.26 16.85 10.88
CA PHE A 263 -24.25 17.92 9.88
C PHE A 263 -22.84 18.21 9.39
N SER A 264 -21.83 18.10 10.26
CA SER A 264 -20.49 18.52 9.87
C SER A 264 -19.93 17.61 8.79
N GLN A 265 -20.21 16.31 8.87
CA GLN A 265 -19.79 15.41 7.81
C GLN A 265 -20.65 15.59 6.57
N ALA A 266 -21.96 15.76 6.75
CA ALA A 266 -22.88 15.89 5.63
C ALA A 266 -22.64 17.14 4.81
N GLU A 267 -21.99 18.16 5.39
CA GLU A 267 -21.81 19.42 4.67
C GLU A 267 -20.60 19.42 3.74
N HIS A 268 -19.76 18.38 3.77
N HIS A 268 -19.79 18.37 3.73
CA HIS A 268 -18.65 18.28 2.82
CA HIS A 268 -18.63 18.32 2.85
C HIS A 268 -19.18 18.37 1.40
C HIS A 268 -19.04 18.27 1.38
N ASP A 269 -19.90 17.32 1.02
CA ASP A 269 -20.38 17.15 -0.35
C ASP A 269 -21.68 16.36 -0.29
N GLU A 270 -22.38 16.31 -1.42
CA GLU A 270 -23.69 15.71 -1.45
C GLU A 270 -23.65 14.19 -1.29
N ASP A 271 -22.53 13.55 -1.55
CA ASP A 271 -22.43 12.10 -1.43
C ASP A 271 -21.92 11.66 -0.06
N ALA A 272 -21.76 12.59 0.88
CA ALA A 272 -21.35 12.24 2.23
C ALA A 272 -22.42 11.41 2.94
N GLN A 273 -21.99 10.60 3.90
CA GLN A 273 -22.87 9.68 4.61
C GLN A 273 -22.74 9.88 6.11
N SER A 274 -23.83 10.24 6.78
CA SER A 274 -23.87 10.42 8.22
C SER A 274 -24.93 9.50 8.81
N ILE A 275 -24.52 8.66 9.77
CA ILE A 275 -25.39 7.67 10.39
C ILE A 275 -25.24 7.77 11.89
N LEU A 276 -26.37 7.67 12.60
CA LEU A 276 -26.40 7.62 14.07
C LEU A 276 -27.02 6.30 14.51
N VAL A 277 -26.36 5.62 15.44
CA VAL A 277 -26.83 4.36 16.02
C VAL A 277 -26.94 4.54 17.53
N SER A 278 -28.07 4.11 18.11
CA SER A 278 -28.27 4.26 19.54
C SER A 278 -29.27 3.22 20.02
N PRO A 279 -29.15 2.76 21.27
CA PRO A 279 -30.22 1.94 21.87
C PRO A 279 -31.32 2.76 22.54
N ASP A 280 -31.27 4.09 22.49
CA ASP A 280 -32.20 4.96 23.20
C ASP A 280 -33.16 5.57 22.19
N ALA A 281 -34.37 4.99 22.11
CA ALA A 281 -35.33 5.42 21.09
C ALA A 281 -35.75 6.88 21.28
N ALA A 282 -35.94 7.31 22.54
CA ALA A 282 -36.33 8.69 22.78
C ALA A 282 -35.20 9.65 22.41
N PHE A 283 -33.95 9.24 22.63
CA PHE A 283 -32.83 10.08 22.21
C PHE A 283 -32.82 10.27 20.70
N LEU A 284 -33.15 9.22 19.94
CA LEU A 284 -33.18 9.35 18.48
C LEU A 284 -34.30 10.27 18.02
N ASP A 285 -35.42 10.31 18.75
CA ASP A 285 -36.46 11.28 18.44
C ASP A 285 -35.99 12.69 18.73
N ARG A 286 -35.19 12.86 19.79
CA ARG A 286 -34.65 14.18 20.10
C ARG A 286 -33.67 14.66 19.04
N VAL A 287 -32.80 13.76 18.57
CA VAL A 287 -31.89 14.13 17.48
C VAL A 287 -32.68 14.43 16.21
N ALA A 288 -33.73 13.64 15.95
CA ALA A 288 -34.57 13.88 14.78
C ALA A 288 -35.20 15.26 14.81
N ASP A 289 -35.70 15.68 15.99
CA ASP A 289 -36.22 17.04 16.11
C ASP A 289 -35.12 18.08 15.98
N SER A 290 -33.95 17.83 16.59
CA SER A 290 -32.84 18.77 16.46
C SER A 290 -32.42 18.94 15.01
N ILE A 291 -32.40 17.85 14.24
CA ILE A 291 -32.06 17.95 12.82
C ILE A 291 -33.04 18.87 12.10
N ALA A 292 -34.34 18.64 12.31
CA ALA A 292 -35.35 19.44 11.63
C ALA A 292 -35.27 20.91 12.00
N ARG A 293 -35.01 21.20 13.28
CA ARG A 293 -34.95 22.60 13.72
C ARG A 293 -33.66 23.27 13.28
N LEU A 294 -32.54 22.55 13.30
CA LEU A 294 -31.24 23.17 13.05
C LEU A 294 -30.88 23.27 11.58
N LEU A 295 -31.42 22.39 10.73
CA LEU A 295 -31.06 22.38 9.32
C LEU A 295 -31.28 23.72 8.63
N PRO A 296 -32.45 24.38 8.76
CA PRO A 296 -32.62 25.67 8.06
C PRO A 296 -31.70 26.77 8.56
N THR A 297 -31.07 26.61 9.72
CA THR A 297 -30.11 27.60 10.19
C THR A 297 -28.74 27.43 9.57
N MET A 298 -28.49 26.39 8.79
CA MET A 298 -27.16 26.11 8.28
C MET A 298 -26.96 26.69 6.89
N GLU A 299 -25.81 27.34 6.69
CA GLU A 299 -25.50 27.96 5.40
C GLU A 299 -25.44 26.91 4.30
N ARG A 300 -24.82 25.76 4.57
CA ARG A 300 -24.78 24.66 3.62
C ARG A 300 -25.93 23.67 3.80
N ALA A 301 -27.10 24.17 4.20
CA ALA A 301 -28.27 23.31 4.44
C ALA A 301 -28.65 22.50 3.21
N GLU A 302 -28.45 23.05 2.01
CA GLU A 302 -28.84 22.36 0.80
C GLU A 302 -27.98 21.12 0.56
N ILE A 303 -26.66 21.23 0.79
CA ILE A 303 -25.78 20.08 0.66
C ILE A 303 -26.05 19.08 1.76
N ILE A 304 -26.26 19.58 2.99
CA ILE A 304 -26.56 18.70 4.12
C ILE A 304 -27.82 17.89 3.85
N ARG A 305 -28.89 18.58 3.40
CA ARG A 305 -30.15 17.91 3.13
C ARG A 305 -29.99 16.82 2.07
N THR A 306 -29.27 17.12 0.97
CA THR A 306 -29.07 16.13 -0.08
C THR A 306 -28.29 14.93 0.44
N SER A 307 -27.33 15.18 1.34
CA SER A 307 -26.53 14.09 1.90
C SER A 307 -27.36 13.23 2.83
N LEU A 308 -28.15 13.85 3.70
CA LEU A 308 -28.95 13.08 4.65
C LEU A 308 -30.05 12.31 3.92
N GLU A 309 -30.68 12.92 2.92
CA GLU A 309 -31.73 12.21 2.16
C GLU A 309 -31.16 10.99 1.45
N GLY A 310 -29.99 11.13 0.83
CA GLY A 310 -29.42 10.03 0.08
C GLY A 310 -28.83 8.94 0.97
N ARG A 311 -28.03 9.34 1.96
CA ARG A 311 -27.26 8.38 2.74
C ARG A 311 -27.41 8.50 4.25
N GLY A 312 -28.18 9.46 4.75
CA GLY A 312 -28.29 9.62 6.19
C GLY A 312 -29.29 8.66 6.82
N ALA A 313 -29.07 8.38 8.10
CA ALA A 313 -30.01 7.51 8.81
C ALA A 313 -29.77 7.62 10.30
N LEU A 314 -30.85 7.41 11.06
CA LEU A 314 -30.81 7.20 12.50
C LEU A 314 -31.30 5.78 12.74
N ILE A 315 -30.49 4.98 13.43
CA ILE A 315 -30.73 3.54 13.53
C ILE A 315 -30.86 3.16 15.01
N GLN A 316 -32.01 2.60 15.36
CA GLN A 316 -32.22 2.10 16.72
C GLN A 316 -31.72 0.66 16.82
N VAL A 317 -31.11 0.34 17.96
CA VAL A 317 -30.62 -1.00 18.25
C VAL A 317 -31.06 -1.40 19.65
N ALA A 318 -30.83 -2.67 19.98
CA ALA A 318 -31.31 -3.21 21.25
C ALA A 318 -30.40 -2.82 22.41
N ASP A 319 -29.09 -2.94 22.24
CA ASP A 319 -28.17 -2.71 23.34
C ASP A 319 -26.81 -2.34 22.77
N GLN A 320 -25.84 -2.16 23.68
CA GLN A 320 -24.48 -1.88 23.26
C GLN A 320 -23.95 -2.94 22.32
N ALA A 321 -24.26 -4.21 22.59
CA ALA A 321 -23.75 -5.30 21.76
C ALA A 321 -24.27 -5.18 20.32
N GLN A 322 -25.58 -4.93 20.16
CA GLN A 322 -26.12 -4.78 18.81
C GLN A 322 -25.65 -3.47 18.18
N ALA A 323 -25.56 -2.41 18.97
CA ALA A 323 -24.97 -1.17 18.47
C ALA A 323 -23.58 -1.43 17.90
N CYS A 324 -22.75 -2.17 18.64
CA CYS A 324 -21.42 -2.48 18.16
C CYS A 324 -21.45 -3.40 16.95
N ALA A 325 -22.38 -4.36 16.92
CA ALA A 325 -22.50 -5.25 15.77
C ALA A 325 -22.82 -4.46 14.50
N VAL A 326 -23.82 -3.58 14.57
CA VAL A 326 -24.15 -2.74 13.41
C VAL A 326 -22.96 -1.89 12.99
N ALA A 327 -22.25 -1.32 13.97
CA ALA A 327 -21.09 -0.48 13.65
C ALA A 327 -20.01 -1.26 12.92
N ASN A 328 -19.75 -2.49 13.36
CA ASN A 328 -18.76 -3.33 12.69
C ASN A 328 -19.16 -3.65 11.26
N ARG A 329 -20.45 -3.82 10.99
CA ARG A 329 -20.91 -4.07 9.63
C ARG A 329 -20.78 -2.83 8.76
N ILE A 330 -21.00 -1.64 9.33
CA ILE A 330 -20.89 -0.42 8.55
C ILE A 330 -19.44 -0.15 8.19
N ALA A 331 -18.50 -0.60 9.03
CA ALA A 331 -17.07 -0.37 8.87
C ALA A 331 -16.85 1.11 8.59
N PRO A 332 -17.13 1.98 9.55
CA PRO A 332 -17.05 3.42 9.29
C PRO A 332 -15.62 3.89 9.16
N GLU A 333 -15.39 4.74 8.17
CA GLU A 333 -14.09 5.39 8.05
C GLU A 333 -13.82 6.29 9.25
N HIS A 334 -14.84 6.93 9.79
CA HIS A 334 -14.74 7.72 11.00
C HIS A 334 -15.83 7.30 11.97
N LEU A 335 -15.44 6.99 13.22
CA LEU A 335 -16.37 6.53 14.23
C LEU A 335 -16.34 7.49 15.42
N GLU A 336 -17.51 7.98 15.82
CA GLU A 336 -17.65 8.85 16.97
C GLU A 336 -18.35 8.06 18.06
N LEU A 337 -17.59 7.62 19.08
CA LEU A 337 -18.12 6.82 20.18
C LEU A 337 -18.58 7.76 21.29
N SER A 338 -19.78 8.30 21.12
CA SER A 338 -20.33 9.30 22.04
C SER A 338 -21.11 8.59 23.16
N VAL A 339 -20.34 7.93 24.03
CA VAL A 339 -20.89 7.09 25.10
C VAL A 339 -20.12 7.36 26.38
N ALA A 340 -20.59 6.73 27.47
CA ALA A 340 -20.04 7.01 28.80
C ALA A 340 -18.63 6.43 28.95
N ASP A 341 -18.45 5.17 28.56
CA ASP A 341 -17.16 4.49 28.70
C ASP A 341 -16.72 4.02 27.31
N PRO A 342 -16.17 4.92 26.50
CA PRO A 342 -15.83 4.55 25.12
C PRO A 342 -14.84 3.41 25.01
N GLU A 343 -13.89 3.28 25.94
CA GLU A 343 -12.95 2.16 25.85
C GLU A 343 -13.63 0.81 26.04
N SER A 344 -14.87 0.79 26.54
CA SER A 344 -15.59 -0.47 26.71
C SER A 344 -16.29 -0.91 25.43
N TRP A 345 -16.59 0.01 24.52
CA TRP A 345 -17.23 -0.31 23.26
C TRP A 345 -16.26 -0.69 22.16
N LEU A 346 -15.09 -0.05 22.14
CA LEU A 346 -14.18 -0.19 21.01
C LEU A 346 -13.75 -1.63 20.70
N PRO A 347 -13.51 -2.51 21.68
CA PRO A 347 -13.09 -3.88 21.30
C PRO A 347 -14.09 -4.61 20.41
N GLU A 348 -15.37 -4.28 20.48
CA GLU A 348 -16.37 -4.91 19.62
C GLU A 348 -16.56 -4.19 18.30
N ILE A 349 -15.85 -3.09 18.06
CA ILE A 349 -15.97 -2.35 16.81
C ILE A 349 -14.58 -2.27 16.18
N ARG A 350 -14.09 -3.39 15.68
CA ARG A 350 -12.71 -3.46 15.20
C ARG A 350 -12.54 -3.04 13.75
N HIS A 351 -13.62 -2.87 12.99
CA HIS A 351 -13.53 -2.57 11.57
C HIS A 351 -13.68 -1.09 11.24
N ALA A 352 -13.52 -0.21 12.23
CA ALA A 352 -13.67 1.22 12.01
C ALA A 352 -12.32 1.88 11.76
N GLY A 353 -12.36 3.06 11.15
CA GLY A 353 -11.15 3.83 10.90
C GLY A 353 -10.72 4.67 12.09
N ALA A 354 -10.59 5.98 11.89
CA ALA A 354 -10.26 6.88 12.98
C ALA A 354 -11.43 6.98 13.95
N ILE A 355 -11.13 6.97 15.25
CA ILE A 355 -12.15 6.92 16.29
C ILE A 355 -12.05 8.17 17.16
N PHE A 356 -13.18 8.83 17.34
CA PHE A 356 -13.32 9.97 18.25
C PHE A 356 -14.15 9.51 19.44
N MET A 357 -13.59 9.63 20.63
CA MET A 357 -14.17 9.00 21.81
C MET A 357 -14.69 10.02 22.80
N GLY A 358 -15.84 9.71 23.39
CA GLY A 358 -16.42 10.55 24.41
C GLY A 358 -17.41 11.55 23.85
N ARG A 359 -17.99 12.31 24.78
CA ARG A 359 -18.98 13.32 24.44
C ARG A 359 -18.36 14.64 23.99
N TYR A 360 -17.06 14.82 24.22
CA TYR A 360 -16.39 16.09 23.98
C TYR A 360 -15.54 16.08 22.73
N THR A 361 -15.60 15.03 21.93
CA THR A 361 -14.71 14.87 20.78
C THR A 361 -15.55 14.70 19.53
N ALA A 362 -15.56 15.72 18.68
CA ALA A 362 -16.29 15.69 17.42
C ALA A 362 -15.35 15.38 16.27
N GLU A 363 -15.91 14.81 15.21
CA GLU A 363 -15.13 14.51 14.01
C GLU A 363 -14.50 15.77 13.42
N ALA A 364 -15.14 16.94 13.61
CA ALA A 364 -14.58 18.18 13.10
C ALA A 364 -13.20 18.47 13.68
N LEU A 365 -12.91 17.96 14.88
CA LEU A 365 -11.56 18.11 15.43
C LEU A 365 -10.53 17.31 14.63
N GLY A 366 -10.97 16.23 13.96
CA GLY A 366 -10.05 15.49 13.10
C GLY A 366 -9.79 16.20 11.79
N ASP A 367 -10.82 16.85 11.24
CA ASP A 367 -10.63 17.61 10.01
C ASP A 367 -9.80 18.86 10.25
N TYR A 368 -9.83 19.40 11.45
CA TYR A 368 -9.06 20.59 11.77
C TYR A 368 -8.03 20.26 12.84
N CYS A 369 -7.15 19.30 12.52
CA CYS A 369 -6.09 18.90 13.44
C CYS A 369 -5.20 20.09 13.76
N ALA A 370 -5.16 20.47 15.05
CA ALA A 370 -4.30 21.56 15.49
C ALA A 370 -2.85 21.12 15.69
N GLY A 371 -2.50 19.90 15.31
CA GLY A 371 -1.12 19.46 15.32
C GLY A 371 -0.83 18.47 16.43
N PRO A 372 0.08 17.51 16.15
CA PRO A 372 0.48 16.56 17.19
C PRO A 372 1.27 17.21 18.32
N ASN A 373 1.99 16.38 19.06
CA ASN A 373 2.70 16.84 20.25
C ASN A 373 3.95 15.99 20.40
N HIS A 374 4.58 16.04 21.57
CA HIS A 374 5.84 15.34 21.81
C HIS A 374 5.67 13.85 22.09
N VAL A 375 4.47 13.32 21.86
CA VAL A 375 4.11 12.06 22.50
C VAL A 375 3.62 11.11 21.43
N LEU A 376 2.97 11.69 20.41
CA LEU A 376 2.54 10.93 19.25
C LEU A 376 3.72 10.22 18.59
N PRO A 377 4.99 10.71 18.70
CA PRO A 377 6.13 9.86 18.34
C PRO A 377 6.19 8.58 19.16
N THR A 378 6.00 7.44 18.51
CA THR A 378 6.00 6.11 19.14
C THR A 378 4.81 5.96 20.09
N PRO A 387 5.31 5.95 10.92
CA PRO A 387 5.60 5.22 9.68
C PRO A 387 4.62 5.53 8.55
N LEU A 388 3.73 6.49 8.77
CA LEU A 388 2.80 6.95 7.74
C LEU A 388 3.07 8.39 7.31
N GLY A 389 4.10 9.03 7.86
CA GLY A 389 4.43 10.39 7.47
C GLY A 389 5.64 10.46 6.58
N VAL A 390 6.80 10.71 7.18
CA VAL A 390 8.02 10.87 6.39
C VAL A 390 8.33 9.60 5.62
N TYR A 391 8.09 8.45 6.24
CA TYR A 391 8.39 7.15 5.62
C TYR A 391 7.80 7.04 4.22
N ASP A 392 6.55 7.47 4.03
CA ASP A 392 5.89 7.27 2.75
C ASP A 392 6.32 8.28 1.69
N PHE A 393 7.27 9.16 1.99
CA PHE A 393 7.91 10.00 0.98
C PHE A 393 9.39 9.65 0.80
N GLN A 394 9.78 8.45 1.24
CA GLN A 394 11.13 7.94 1.04
C GLN A 394 11.09 6.65 0.24
N LYS A 395 12.17 6.38 -0.49
CA LYS A 395 12.36 5.10 -1.16
C LYS A 395 13.45 4.33 -0.42
N ARG A 396 13.22 3.03 -0.23
CA ARG A 396 14.09 2.20 0.57
C ARG A 396 14.63 1.04 -0.27
N SER A 397 15.93 0.78 -0.13
CA SER A 397 16.62 -0.29 -0.83
C SER A 397 17.26 -1.18 0.22
N SER A 398 16.86 -2.44 0.26
CA SER A 398 17.42 -3.39 1.21
C SER A 398 18.82 -3.81 0.78
N ILE A 399 19.72 -3.92 1.75
CA ILE A 399 21.13 -4.23 1.52
C ILE A 399 21.51 -5.46 2.32
N ILE A 400 22.04 -6.48 1.64
CA ILE A 400 22.63 -7.64 2.30
C ILE A 400 24.04 -7.78 1.77
N ASN A 401 25.02 -7.67 2.66
CA ASN A 401 26.43 -7.82 2.30
C ASN A 401 27.01 -8.91 3.21
N CYS A 402 26.86 -10.16 2.78
CA CYS A 402 27.35 -11.28 3.59
C CYS A 402 28.87 -11.28 3.65
N SER A 403 29.40 -11.60 4.84
CA SER A 403 30.77 -12.05 4.92
C SER A 403 30.85 -13.48 4.40
N ALA A 404 32.09 -13.97 4.24
CA ALA A 404 32.26 -15.37 3.84
C ALA A 404 31.59 -16.31 4.82
N GLU A 405 31.75 -16.05 6.11
CA GLU A 405 31.13 -16.90 7.13
C GLU A 405 29.61 -16.76 7.13
N GLY A 406 29.10 -15.53 6.97
CA GLY A 406 27.66 -15.34 6.95
C GLY A 406 26.98 -16.04 5.80
N ALA A 407 27.58 -15.96 4.60
CA ALA A 407 27.07 -16.72 3.46
C ALA A 407 27.15 -18.22 3.70
N SER A 408 28.10 -18.66 4.52
CA SER A 408 28.23 -20.08 4.81
C SER A 408 27.08 -20.56 5.68
N VAL A 409 26.73 -19.79 6.71
CA VAL A 409 25.60 -20.16 7.57
C VAL A 409 24.30 -20.15 6.78
N LEU A 410 24.06 -19.08 6.02
CA LEU A 410 22.83 -18.96 5.26
C LEU A 410 22.78 -19.94 4.09
N GLY A 411 23.91 -20.14 3.42
CA GLY A 411 23.93 -21.05 2.28
C GLY A 411 23.65 -22.48 2.67
N ARG A 412 24.00 -22.87 3.89
CA ARG A 412 23.73 -24.23 4.36
C ARG A 412 22.22 -24.50 4.37
N THR A 413 21.44 -23.54 4.87
CA THR A 413 19.98 -23.70 4.87
C THR A 413 19.40 -23.58 3.46
N ALA A 414 19.87 -22.58 2.70
CA ALA A 414 19.36 -22.38 1.35
C ALA A 414 19.63 -23.58 0.45
N SER A 415 20.82 -24.17 0.55
CA SER A 415 21.20 -25.25 -0.35
C SER A 415 20.30 -26.48 -0.17
N VAL A 416 19.96 -26.80 1.08
CA VAL A 416 19.13 -27.98 1.35
C VAL A 416 17.76 -27.80 0.72
N LEU A 417 17.11 -26.67 0.98
CA LEU A 417 15.77 -26.45 0.44
C LEU A 417 15.79 -26.34 -1.07
N ALA A 418 16.76 -25.63 -1.64
CA ALA A 418 16.84 -25.50 -3.09
C ALA A 418 17.04 -26.85 -3.77
N ARG A 419 17.94 -27.68 -3.23
CA ARG A 419 18.11 -29.03 -3.78
C ARG A 419 16.85 -29.86 -3.60
N GLY A 420 16.17 -29.70 -2.47
CA GLY A 420 14.92 -30.40 -2.26
C GLY A 420 13.89 -30.10 -3.33
N GLU A 421 13.88 -28.87 -3.84
CA GLU A 421 12.99 -28.48 -4.92
C GLU A 421 13.66 -28.56 -6.28
N SER A 422 14.85 -29.16 -6.34
CA SER A 422 15.59 -29.35 -7.59
C SER A 422 15.93 -28.02 -8.27
N LEU A 423 16.07 -26.94 -7.48
CA LEU A 423 16.54 -25.65 -7.99
C LEU A 423 18.06 -25.62 -7.85
N THR A 424 18.71 -26.42 -8.70
CA THR A 424 20.12 -26.73 -8.52
C THR A 424 21.03 -25.54 -8.76
N ALA A 425 20.65 -24.62 -9.65
CA ALA A 425 21.47 -23.42 -9.83
C ALA A 425 21.46 -22.58 -8.56
N HIS A 426 20.28 -22.41 -7.93
CA HIS A 426 20.21 -21.76 -6.64
C HIS A 426 21.13 -22.41 -5.63
N ALA A 427 21.08 -23.74 -5.55
CA ALA A 427 21.87 -24.45 -4.54
C ALA A 427 23.35 -24.27 -4.79
N ARG A 428 23.80 -24.49 -6.03
CA ARG A 428 25.22 -24.38 -6.32
C ARG A 428 25.71 -22.96 -6.14
N SER A 429 24.89 -21.97 -6.49
CA SER A 429 25.28 -20.58 -6.27
C SER A 429 25.52 -20.31 -4.79
N ALA A 430 24.64 -20.80 -3.92
CA ALA A 430 24.87 -20.66 -2.49
C ALA A 430 26.06 -21.52 -2.03
N GLU A 431 26.21 -22.72 -2.59
CA GLU A 431 27.25 -23.63 -2.13
C GLU A 431 28.66 -23.13 -2.46
N TYR A 432 28.82 -22.37 -3.54
CA TYR A 432 30.13 -21.77 -3.83
C TYR A 432 30.67 -20.96 -2.67
N ARG A 433 29.80 -20.47 -1.78
CA ARG A 433 30.20 -19.61 -0.70
C ARG A 433 30.19 -20.30 0.66
N ILE A 434 29.84 -21.58 0.72
CA ILE A 434 29.87 -22.32 1.98
C ILE A 434 31.31 -22.72 2.28
N LEU A 435 31.77 -22.42 3.49
CA LEU A 435 33.08 -22.82 3.95
C LEU A 435 33.00 -24.17 4.66
N ASP A 436 34.08 -24.95 4.56
CA ASP A 436 34.17 -26.18 5.34
C ASP A 436 34.40 -25.83 6.80
N GLU A 437 33.71 -26.55 7.68
CA GLU A 437 33.86 -26.32 9.12
C GLU A 437 35.15 -26.96 9.63
N LYS A 438 35.73 -26.32 10.65
CA LYS A 438 36.97 -26.77 11.29
C LYS A 438 37.08 -28.28 11.45
N ALA B 3 27.48 -28.15 -29.99
CA ALA B 3 27.75 -26.70 -29.96
C ALA B 3 27.59 -26.19 -28.56
N PRO B 4 28.66 -25.57 -28.05
CA PRO B 4 28.60 -24.94 -26.74
C PRO B 4 27.66 -23.74 -26.77
N PHE B 5 26.80 -23.64 -25.75
CA PHE B 5 25.86 -22.54 -25.73
C PHE B 5 26.65 -21.23 -25.73
N ALA B 6 26.24 -20.31 -26.59
CA ALA B 6 26.90 -19.01 -26.73
C ALA B 6 25.94 -17.95 -26.18
N ILE B 7 26.25 -17.43 -24.99
CA ILE B 7 25.44 -16.39 -24.40
C ILE B 7 25.44 -15.15 -25.29
N ARG B 8 24.32 -14.42 -25.29
CA ARG B 8 24.21 -13.17 -26.04
C ARG B 8 25.17 -12.12 -25.49
N ARG B 9 25.95 -11.51 -26.38
CA ARG B 9 26.93 -10.50 -26.00
C ARG B 9 26.47 -9.14 -26.51
N LEU B 10 26.66 -8.11 -25.69
CA LEU B 10 26.29 -6.75 -26.03
C LEU B 10 27.43 -5.81 -25.64
N ASN B 11 27.47 -4.65 -26.29
CA ASN B 11 28.52 -3.66 -26.02
C ASN B 11 27.91 -2.26 -26.03
N ALA B 12 28.17 -1.49 -24.97
CA ALA B 12 27.70 -0.11 -24.92
C ALA B 12 28.48 0.81 -25.85
N ALA B 13 29.56 0.31 -26.47
CA ALA B 13 30.28 1.10 -27.46
C ALA B 13 29.62 1.05 -28.83
N ASP B 14 28.94 -0.05 -29.15
CA ASP B 14 28.28 -0.18 -30.44
C ASP B 14 27.12 0.79 -30.53
N PRO B 15 26.94 1.48 -31.67
CA PRO B 15 25.96 2.57 -31.74
C PRO B 15 24.52 2.13 -31.62
N ASP B 16 24.21 0.87 -31.91
CA ASP B 16 22.85 0.36 -31.76
C ASP B 16 22.56 -0.17 -30.37
N PHE B 17 23.42 0.11 -29.39
CA PHE B 17 23.23 -0.45 -28.06
C PHE B 17 21.94 0.05 -27.42
N GLY B 18 21.61 1.33 -27.60
CA GLY B 18 20.41 1.87 -26.98
C GLY B 18 19.16 1.11 -27.37
N ARG B 19 18.95 0.92 -28.68
CA ARG B 19 17.77 0.21 -29.15
C ARG B 19 17.89 -1.29 -28.89
N HIS B 20 19.07 -1.86 -29.12
CA HIS B 20 19.27 -3.28 -28.85
C HIS B 20 18.96 -3.62 -27.39
N LEU B 21 19.35 -2.74 -26.46
CA LEU B 21 19.02 -2.96 -25.06
C LEU B 21 17.54 -2.77 -24.79
N ASP B 22 16.94 -1.71 -25.37
CA ASP B 22 15.52 -1.45 -25.16
C ASP B 22 14.67 -2.62 -25.64
N HIS B 23 15.07 -3.29 -26.72
CA HIS B 23 14.31 -4.44 -27.20
C HIS B 23 14.42 -5.62 -26.25
N LEU B 24 15.60 -5.83 -25.67
CA LEU B 24 15.78 -6.96 -24.77
C LEU B 24 14.89 -6.86 -23.53
N LEU B 25 14.68 -5.65 -23.04
CA LEU B 25 13.87 -5.44 -21.85
C LEU B 25 12.39 -5.32 -22.14
N SER B 26 11.99 -5.12 -23.39
CA SER B 26 10.61 -4.79 -23.73
C SER B 26 9.83 -5.93 -24.35
N TRP B 27 10.45 -6.74 -25.21
CA TRP B 27 9.70 -7.73 -25.99
C TRP B 27 8.94 -8.68 -25.07
N GLU B 28 7.73 -9.04 -25.50
CA GLU B 28 6.85 -9.90 -24.70
C GLU B 28 6.21 -10.95 -25.61
N SER B 29 6.42 -12.22 -25.28
CA SER B 29 5.83 -13.30 -26.06
C SER B 29 4.40 -13.59 -25.63
N VAL B 30 4.15 -13.56 -24.31
CA VAL B 30 2.80 -13.75 -23.79
C VAL B 30 1.84 -12.70 -24.32
N SER B 31 2.37 -11.60 -24.87
CA SER B 31 1.61 -10.45 -25.36
C SER B 31 0.92 -9.71 -24.21
N ASP B 32 0.94 -8.39 -24.26
CA ASP B 32 0.21 -7.58 -23.30
C ASP B 32 -1.14 -7.19 -23.88
N ASP B 33 -2.06 -6.78 -23.00
CA ASP B 33 -3.48 -6.63 -23.30
C ASP B 33 -4.10 -7.99 -23.57
N SER B 34 -3.32 -8.93 -24.15
CA SER B 34 -3.76 -10.31 -24.27
C SER B 34 -3.90 -10.95 -22.89
N VAL B 35 -2.84 -10.90 -22.08
CA VAL B 35 -2.92 -11.40 -20.71
C VAL B 35 -3.94 -10.59 -19.92
N ASN B 36 -3.94 -9.26 -20.10
CA ASN B 36 -4.87 -8.39 -19.40
C ASN B 36 -6.31 -8.78 -19.70
N GLN B 37 -6.62 -9.09 -20.96
CA GLN B 37 -7.99 -9.43 -21.32
C GLN B 37 -8.39 -10.79 -20.75
N ARG B 38 -7.50 -11.78 -20.83
CA ARG B 38 -7.79 -13.09 -20.25
C ARG B 38 -7.96 -12.98 -18.73
N VAL B 39 -7.14 -12.15 -18.08
CA VAL B 39 -7.25 -11.98 -16.63
C VAL B 39 -8.57 -11.32 -16.28
N LEU B 40 -8.98 -10.30 -17.05
CA LEU B 40 -10.28 -9.67 -16.81
C LEU B 40 -11.41 -10.67 -17.01
N ASP B 41 -11.28 -11.55 -18.01
CA ASP B 41 -12.33 -12.53 -18.27
C ASP B 41 -12.41 -13.56 -17.14
N ILE B 42 -11.26 -13.97 -16.61
CA ILE B 42 -11.25 -14.98 -15.55
C ILE B 42 -11.89 -14.41 -14.29
N ILE B 43 -11.57 -13.17 -13.93
CA ILE B 43 -12.12 -12.57 -12.71
C ILE B 43 -13.64 -12.49 -12.80
N ALA B 44 -14.15 -11.98 -13.92
CA ALA B 44 -15.59 -11.86 -14.10
C ALA B 44 -16.28 -13.22 -13.98
N ALA B 45 -15.64 -14.27 -14.51
CA ALA B 45 -16.21 -15.61 -14.40
C ALA B 45 -16.29 -16.07 -12.96
N VAL B 46 -15.19 -15.91 -12.21
CA VAL B 46 -15.19 -16.33 -10.80
C VAL B 46 -16.14 -15.48 -9.98
N ARG B 47 -16.32 -14.21 -10.35
CA ARG B 47 -17.27 -13.37 -9.63
C ARG B 47 -18.70 -13.85 -9.83
N SER B 48 -19.04 -14.29 -11.04
CA SER B 48 -20.39 -14.76 -11.34
C SER B 48 -20.56 -16.24 -11.00
N ARG B 49 -19.83 -17.11 -11.69
CA ARG B 49 -20.02 -18.55 -11.55
C ARG B 49 -19.26 -19.14 -10.37
N GLY B 50 -18.42 -18.36 -9.70
CA GLY B 50 -17.86 -18.78 -8.42
C GLY B 50 -17.05 -20.05 -8.50
N ASP B 51 -17.37 -20.99 -7.60
CA ASP B 51 -16.59 -22.22 -7.49
C ASP B 51 -16.52 -22.96 -8.81
N ALA B 52 -17.62 -22.99 -9.56
CA ALA B 52 -17.63 -23.70 -10.84
C ALA B 52 -16.55 -23.16 -11.78
N ALA B 53 -16.41 -21.83 -11.84
CA ALA B 53 -15.41 -21.25 -12.72
C ALA B 53 -14.00 -21.64 -12.31
N VAL B 54 -13.72 -21.62 -11.01
CA VAL B 54 -12.36 -21.93 -10.53
C VAL B 54 -12.01 -23.39 -10.82
N VAL B 55 -12.97 -24.30 -10.65
CA VAL B 55 -12.72 -25.70 -10.94
C VAL B 55 -12.47 -25.89 -12.44
N GLU B 56 -13.18 -25.14 -13.28
CA GLU B 56 -12.99 -25.27 -14.71
C GLU B 56 -11.67 -24.64 -15.15
N PHE B 57 -11.33 -23.47 -14.58
CA PHE B 57 -10.06 -22.84 -14.91
C PHE B 57 -8.89 -23.66 -14.39
N THR B 58 -9.05 -24.27 -13.21
CA THR B 58 -8.01 -25.14 -12.67
C THR B 58 -7.78 -26.35 -13.57
N GLN B 59 -8.87 -26.92 -14.11
CA GLN B 59 -8.72 -28.03 -15.04
C GLN B 59 -8.04 -27.58 -16.32
N ARG B 60 -8.48 -26.45 -16.89
CA ARG B 60 -7.92 -25.98 -18.15
C ARG B 60 -6.46 -25.57 -18.00
N PHE B 61 -6.16 -24.64 -17.08
CA PHE B 61 -4.83 -24.06 -17.01
C PHE B 61 -3.83 -24.92 -16.25
N ASP B 62 -4.27 -25.57 -15.17
CA ASP B 62 -3.36 -26.38 -14.37
C ASP B 62 -3.32 -27.85 -14.77
N GLY B 63 -4.22 -28.29 -15.66
CA GLY B 63 -4.25 -29.68 -16.08
C GLY B 63 -4.64 -30.62 -14.95
N LEU B 64 -5.71 -30.29 -14.24
CA LEU B 64 -6.18 -31.07 -13.11
C LEU B 64 -7.51 -31.75 -13.43
N GLN B 65 -7.77 -32.85 -12.74
CA GLN B 65 -8.96 -33.68 -12.97
C GLN B 65 -9.76 -33.76 -11.67
N ALA B 66 -10.41 -32.66 -11.30
CA ALA B 66 -11.21 -32.59 -10.08
C ALA B 66 -12.64 -32.18 -10.43
N ALA B 67 -13.61 -32.87 -9.83
CA ALA B 67 -15.02 -32.66 -10.12
C ALA B 67 -15.63 -31.57 -9.27
N SER B 68 -15.30 -31.51 -7.98
CA SER B 68 -15.86 -30.52 -7.08
C SER B 68 -14.74 -29.65 -6.52
N MET B 69 -15.15 -28.56 -5.87
CA MET B 69 -14.19 -27.72 -5.15
C MET B 69 -13.51 -28.48 -4.03
N ALA B 70 -14.20 -29.47 -3.44
CA ALA B 70 -13.66 -30.18 -2.28
C ALA B 70 -12.39 -30.93 -2.62
N ASP B 71 -12.25 -31.41 -3.85
CA ASP B 71 -11.02 -32.07 -4.25
C ASP B 71 -9.84 -31.11 -4.29
N LEU B 72 -10.10 -29.81 -4.36
CA LEU B 72 -9.07 -28.79 -4.42
C LEU B 72 -8.79 -28.16 -3.06
N ILE B 73 -9.41 -28.67 -2.00
CA ILE B 73 -9.22 -28.16 -0.64
C ILE B 73 -8.40 -29.17 0.13
N LEU B 74 -7.28 -28.72 0.68
CA LEU B 74 -6.42 -29.59 1.48
C LEU B 74 -6.66 -29.34 2.96
N PRO B 75 -6.96 -30.37 3.76
CA PRO B 75 -7.18 -30.15 5.19
C PRO B 75 -5.86 -29.86 5.91
N ARG B 76 -5.99 -29.53 7.19
CA ARG B 76 -4.79 -29.30 7.99
C ARG B 76 -4.00 -30.59 8.19
N GLU B 77 -4.68 -31.74 8.15
CA GLU B 77 -4.02 -33.02 8.37
C GLU B 77 -3.09 -33.37 7.22
N ARG B 78 -3.49 -33.04 5.99
CA ARG B 78 -2.62 -33.24 4.84
C ARG B 78 -1.33 -32.45 4.96
N LEU B 79 -1.38 -31.31 5.65
CA LEU B 79 -0.16 -30.52 5.88
C LEU B 79 0.76 -31.20 6.90
N GLU B 80 0.18 -31.72 7.99
CA GLU B 80 0.99 -32.41 8.99
C GLU B 80 1.60 -33.70 8.42
N LEU B 81 0.88 -34.35 7.52
CA LEU B 81 1.40 -35.56 6.89
C LEU B 81 2.59 -35.24 5.98
N ALA B 82 2.51 -34.13 5.23
CA ALA B 82 3.63 -33.71 4.41
C ALA B 82 4.89 -33.56 5.24
N LEU B 83 4.76 -33.03 6.46
CA LEU B 83 5.91 -32.88 7.34
C LEU B 83 6.61 -34.21 7.57
N THR B 84 5.85 -35.29 7.68
CA THR B 84 6.44 -36.61 7.90
C THR B 84 7.05 -37.20 6.64
N ARG B 85 6.62 -36.75 5.46
CA ARG B 85 7.09 -37.30 4.20
C ARG B 85 8.36 -36.61 3.66
N ILE B 86 8.90 -35.63 4.36
CA ILE B 86 10.12 -34.97 3.93
C ILE B 86 11.28 -35.46 4.79
N THR B 87 12.49 -35.27 4.28
CA THR B 87 13.68 -35.75 4.97
C THR B 87 13.91 -34.94 6.25
N VAL B 88 14.79 -35.47 7.10
CA VAL B 88 15.11 -34.77 8.35
C VAL B 88 15.89 -33.50 8.06
N ALA B 89 16.86 -33.57 7.14
CA ALA B 89 17.62 -32.37 6.77
C ALA B 89 16.70 -31.28 6.25
N GLN B 90 15.64 -31.65 5.53
CA GLN B 90 14.74 -30.66 4.98
C GLN B 90 13.76 -30.13 6.01
N ARG B 91 13.37 -30.95 6.99
CA ARG B 91 12.53 -30.46 8.08
C ARG B 91 13.28 -29.45 8.93
N GLU B 92 14.50 -29.79 9.33
CA GLU B 92 15.27 -28.88 10.18
C GLU B 92 15.60 -27.60 9.43
N ALA B 93 15.94 -27.71 8.14
CA ALA B 93 16.21 -26.50 7.36
C ALA B 93 14.97 -25.61 7.31
N LEU B 94 13.78 -26.22 7.21
CA LEU B 94 12.54 -25.44 7.28
C LEU B 94 12.34 -24.84 8.66
N GLU B 95 12.71 -25.58 9.70
CA GLU B 95 12.51 -25.06 11.06
C GLU B 95 13.54 -23.99 11.40
N VAL B 96 14.76 -24.14 10.91
CA VAL B 96 15.78 -23.12 11.16
C VAL B 96 15.41 -21.81 10.50
N ALA B 97 14.94 -21.87 9.25
CA ALA B 97 14.45 -20.67 8.58
C ALA B 97 13.25 -20.08 9.30
N ALA B 98 12.34 -20.95 9.78
CA ALA B 98 11.16 -20.48 10.49
C ALA B 98 11.54 -19.75 11.77
N GLU B 99 12.52 -20.29 12.51
CA GLU B 99 12.94 -19.68 13.77
C GLU B 99 13.41 -18.25 13.56
N ARG B 100 14.31 -18.03 12.59
CA ARG B 100 14.83 -16.70 12.36
C ARG B 100 13.72 -15.75 11.92
N VAL B 101 12.83 -16.21 11.05
CA VAL B 101 11.71 -15.37 10.61
C VAL B 101 10.81 -15.04 11.79
N ARG B 102 10.42 -16.06 12.56
CA ARG B 102 9.47 -15.85 13.64
C ARG B 102 10.05 -14.98 14.74
N SER B 103 11.31 -15.23 15.11
CA SER B 103 11.96 -14.45 16.16
C SER B 103 12.03 -12.98 15.77
N TYR B 104 12.36 -12.69 14.52
CA TYR B 104 12.42 -11.31 14.04
C TYR B 104 11.05 -10.63 14.12
N HIS B 105 10.02 -11.29 13.59
CA HIS B 105 8.70 -10.66 13.57
C HIS B 105 8.14 -10.47 14.97
N GLU B 106 8.52 -11.34 15.93
CA GLU B 106 8.10 -11.12 17.31
C GLU B 106 8.71 -9.86 17.89
N LYS B 107 9.97 -9.56 17.54
CA LYS B 107 10.61 -8.35 18.03
C LYS B 107 10.00 -7.08 17.45
N GLN B 108 9.45 -7.16 16.23
CA GLN B 108 8.89 -5.98 15.57
C GLN B 108 7.42 -5.74 15.89
N LYS B 109 6.71 -6.74 16.41
CA LYS B 109 5.28 -6.59 16.67
C LYS B 109 5.02 -5.43 17.64
N GLN B 110 4.25 -4.45 17.18
CA GLN B 110 3.82 -3.34 18.02
C GLN B 110 2.31 -3.42 18.20
N GLY B 111 1.84 -3.05 19.39
CA GLY B 111 0.42 -3.17 19.70
C GLY B 111 -0.27 -1.85 19.99
N SER B 112 -1.44 -1.93 20.60
CA SER B 112 -2.20 -0.75 20.95
C SER B 112 -1.52 0.04 22.06
N TRP B 113 -1.74 1.35 22.07
CA TRP B 113 -1.13 2.20 23.07
C TRP B 113 -2.04 3.40 23.30
N ARG B 114 -1.89 3.98 24.49
CA ARG B 114 -2.61 5.18 24.88
C ARG B 114 -1.64 6.11 25.58
N TYR B 115 -1.85 7.40 25.40
CA TYR B 115 -1.02 8.39 26.09
C TYR B 115 -1.92 9.52 26.56
N THR B 116 -1.77 9.92 27.82
CA THR B 116 -2.57 10.98 28.41
C THR B 116 -1.78 12.29 28.38
N GLU B 117 -2.35 13.30 27.73
CA GLU B 117 -1.75 14.62 27.71
C GLU B 117 -1.99 15.33 29.04
N ALA B 118 -1.38 16.52 29.17
CA ALA B 118 -1.46 17.28 30.40
C ALA B 118 -2.88 17.68 30.73
N ASP B 119 -3.66 18.09 29.72
CA ASP B 119 -5.02 18.55 29.97
C ASP B 119 -6.02 17.41 30.16
N GLY B 120 -5.57 16.15 30.12
CA GLY B 120 -6.44 15.01 30.27
C GLY B 120 -6.81 14.32 28.96
N THR B 121 -6.50 14.94 27.82
CA THR B 121 -6.82 14.34 26.53
C THR B 121 -5.99 13.06 26.33
N VAL B 122 -6.65 12.00 25.85
CA VAL B 122 -6.01 10.72 25.61
C VAL B 122 -5.88 10.51 24.10
N LEU B 123 -4.67 10.14 23.67
CA LEU B 123 -4.38 9.84 22.28
C LEU B 123 -3.82 8.43 22.20
N GLY B 124 -3.93 7.81 21.03
CA GLY B 124 -3.32 6.49 20.86
C GLY B 124 -3.76 5.84 19.57
N GLN B 125 -3.44 4.54 19.48
CA GLN B 125 -3.83 3.69 18.36
C GLN B 125 -4.37 2.37 18.88
N GLN B 126 -5.41 1.86 18.23
CA GLN B 126 -5.89 0.50 18.45
C GLN B 126 -5.36 -0.38 17.33
N VAL B 127 -4.64 -1.43 17.70
CA VAL B 127 -3.99 -2.32 16.74
C VAL B 127 -4.66 -3.68 16.81
N THR B 128 -5.23 -4.11 15.70
CA THR B 128 -5.92 -5.38 15.66
C THR B 128 -5.45 -6.15 14.43
N PRO B 129 -5.36 -7.47 14.53
CA PRO B 129 -4.99 -8.25 13.35
C PRO B 129 -6.13 -8.31 12.36
N LEU B 130 -5.77 -8.33 11.08
CA LEU B 130 -6.74 -8.61 10.02
C LEU B 130 -7.42 -9.95 10.30
N ASP B 131 -8.70 -10.05 9.94
CA ASP B 131 -9.41 -11.29 10.20
C ASP B 131 -8.89 -12.43 9.32
N ARG B 132 -8.65 -12.14 8.04
CA ARG B 132 -8.31 -13.18 7.07
C ARG B 132 -7.20 -12.67 6.14
N ALA B 133 -6.17 -13.49 5.96
CA ALA B 133 -5.08 -13.17 5.03
C ALA B 133 -4.95 -14.30 4.02
N GLY B 134 -4.73 -13.94 2.77
CA GLY B 134 -4.59 -14.90 1.69
C GLY B 134 -3.15 -14.91 1.17
N LEU B 135 -2.57 -16.10 1.16
CA LEU B 135 -1.19 -16.31 0.71
C LEU B 135 -1.20 -16.98 -0.65
N TYR B 136 -0.70 -16.28 -1.67
CA TYR B 136 -0.43 -16.90 -2.96
C TYR B 136 0.98 -17.45 -2.95
N VAL B 137 1.11 -18.76 -3.15
CA VAL B 137 2.39 -19.44 -3.24
C VAL B 137 2.55 -19.93 -4.68
N PRO B 138 3.48 -19.38 -5.45
CA PRO B 138 3.67 -19.85 -6.83
C PRO B 138 4.13 -21.30 -6.85
N GLY B 139 3.60 -22.05 -7.82
CA GLY B 139 3.92 -23.46 -7.93
C GLY B 139 3.84 -23.96 -9.36
N GLY B 140 3.81 -23.04 -10.32
CA GLY B 140 3.67 -23.39 -11.72
C GLY B 140 4.84 -24.17 -12.28
N LYS B 141 6.03 -23.54 -12.33
CA LYS B 141 7.21 -24.14 -12.92
C LYS B 141 8.23 -24.63 -11.88
N ALA B 142 8.06 -24.28 -10.61
CA ALA B 142 8.90 -24.75 -9.53
C ALA B 142 8.10 -24.63 -8.23
N SER B 143 8.74 -25.02 -7.12
CA SER B 143 8.13 -24.92 -5.80
C SER B 143 8.96 -24.00 -4.92
N TYR B 144 8.28 -23.17 -4.12
CA TYR B 144 8.92 -22.10 -3.34
C TYR B 144 8.46 -22.16 -1.89
N PRO B 145 9.07 -23.05 -1.09
CA PRO B 145 8.64 -23.17 0.31
C PRO B 145 9.00 -21.96 1.17
N SER B 146 10.12 -21.29 0.89
CA SER B 146 10.49 -20.14 1.70
C SER B 146 9.49 -19.01 1.55
N SER B 147 8.81 -18.91 0.41
CA SER B 147 7.77 -17.91 0.24
C SER B 147 6.58 -18.17 1.17
N VAL B 148 6.35 -19.42 1.55
CA VAL B 148 5.30 -19.73 2.52
C VAL B 148 5.68 -19.16 3.89
N LEU B 149 6.88 -19.48 4.37
CA LEU B 149 7.33 -18.99 5.66
C LEU B 149 7.35 -17.47 5.71
N MET B 150 7.78 -16.83 4.62
CA MET B 150 8.00 -15.39 4.64
C MET B 150 6.71 -14.61 4.82
N ASN B 151 5.60 -15.13 4.33
CA ASN B 151 4.32 -14.43 4.44
C ASN B 151 3.41 -14.99 5.51
N ALA B 152 3.43 -16.30 5.75
CA ALA B 152 2.49 -16.88 6.71
C ALA B 152 2.91 -16.61 8.15
N ILE B 153 4.23 -16.65 8.43
CA ILE B 153 4.69 -16.44 9.80
C ILE B 153 4.36 -15.05 10.32
N PRO B 154 4.71 -13.95 9.65
CA PRO B 154 4.35 -12.64 10.19
C PRO B 154 2.85 -12.45 10.32
N ALA B 155 2.05 -13.12 9.48
CA ALA B 155 0.60 -13.03 9.62
C ALA B 155 0.14 -13.70 10.91
N LYS B 156 0.68 -14.89 11.20
CA LYS B 156 0.34 -15.56 12.45
C LYS B 156 0.85 -14.78 13.65
N VAL B 157 2.08 -14.24 13.56
CA VAL B 157 2.62 -13.44 14.65
C VAL B 157 1.73 -12.24 14.93
N ALA B 158 1.18 -11.63 13.87
CA ALA B 158 0.22 -10.54 14.06
C ALA B 158 -1.06 -11.01 14.73
N GLY B 159 -1.35 -12.30 14.68
CA GLY B 159 -2.58 -12.84 15.21
C GLY B 159 -3.71 -13.03 14.22
N VAL B 160 -3.41 -13.12 12.93
CA VAL B 160 -4.46 -13.32 11.94
C VAL B 160 -5.12 -14.67 12.17
N SER B 161 -6.43 -14.66 12.42
CA SER B 161 -7.11 -15.86 12.88
C SER B 161 -7.14 -16.94 11.80
N GLU B 162 -7.33 -16.55 10.54
CA GLU B 162 -7.39 -17.50 9.43
C GLU B 162 -6.40 -17.07 8.36
N VAL B 163 -5.37 -17.88 8.14
CA VAL B 163 -4.40 -17.67 7.06
C VAL B 163 -4.63 -18.75 6.02
N VAL B 164 -5.11 -18.35 4.85
CA VAL B 164 -5.45 -19.27 3.78
C VAL B 164 -4.40 -19.20 2.69
N MET B 165 -4.02 -20.35 2.15
CA MET B 165 -2.95 -20.45 1.16
C MET B 165 -3.48 -21.08 -0.11
N VAL B 166 -3.20 -20.45 -1.25
CA VAL B 166 -3.49 -21.02 -2.56
C VAL B 166 -2.17 -21.36 -3.23
N VAL B 167 -2.05 -22.57 -3.75
CA VAL B 167 -0.89 -22.98 -4.52
C VAL B 167 -1.34 -23.90 -5.66
N PRO B 168 -0.99 -23.59 -6.91
CA PRO B 168 -1.40 -24.46 -8.01
C PRO B 168 -0.64 -25.77 -7.98
N THR B 169 -1.36 -26.86 -8.26
CA THR B 169 -0.77 -28.20 -8.36
C THR B 169 -0.87 -28.66 -9.80
N PRO B 170 0.13 -28.35 -10.64
CA PRO B 170 0.06 -28.76 -12.05
C PRO B 170 0.06 -30.27 -12.19
N ARG B 171 -0.92 -30.78 -12.97
CA ARG B 171 -1.09 -32.20 -13.22
C ARG B 171 -1.35 -32.99 -11.94
N GLY B 172 -1.87 -32.33 -10.91
CA GLY B 172 -2.12 -32.98 -9.64
C GLY B 172 -0.91 -33.28 -8.79
N GLU B 173 0.28 -32.86 -9.22
CA GLU B 173 1.48 -33.11 -8.44
C GLU B 173 1.53 -32.17 -7.23
N ILE B 174 1.85 -32.74 -6.08
CA ILE B 174 1.83 -32.02 -4.81
C ILE B 174 3.24 -32.02 -4.23
N ASN B 175 3.73 -30.84 -3.87
CA ASN B 175 5.08 -30.69 -3.32
C ASN B 175 5.01 -30.74 -1.80
N GLU B 176 5.63 -31.77 -1.22
CA GLU B 176 5.50 -31.99 0.21
C GLU B 176 6.33 -31.00 1.02
N ILE B 177 7.43 -30.50 0.46
CA ILE B 177 8.23 -29.50 1.16
C ILE B 177 7.44 -28.21 1.32
N VAL B 178 6.70 -27.82 0.30
CA VAL B 178 5.88 -26.61 0.37
C VAL B 178 4.73 -26.80 1.36
N LEU B 179 4.09 -27.96 1.34
CA LEU B 179 3.04 -28.25 2.31
C LEU B 179 3.61 -28.33 3.72
N ALA B 180 4.81 -28.88 3.88
CA ALA B 180 5.43 -28.95 5.20
C ALA B 180 5.76 -27.56 5.73
N ALA B 181 6.21 -26.66 4.86
CA ALA B 181 6.42 -25.28 5.27
C ALA B 181 5.13 -24.64 5.75
N ALA B 182 4.03 -24.92 5.04
CA ALA B 182 2.73 -24.38 5.46
C ALA B 182 2.34 -24.88 6.84
N CYS B 183 2.67 -26.13 7.15
CA CYS B 183 2.36 -26.69 8.46
C CYS B 183 3.17 -25.99 9.55
N ILE B 184 4.48 -25.86 9.32
CA ILE B 184 5.34 -25.16 10.27
C ILE B 184 4.93 -23.71 10.42
N ALA B 185 4.52 -23.07 9.32
CA ALA B 185 4.16 -21.66 9.37
C ALA B 185 2.79 -21.41 9.97
N GLY B 186 2.02 -22.45 10.25
CA GLY B 186 0.73 -22.27 10.87
C GLY B 186 -0.40 -21.95 9.92
N VAL B 187 -0.23 -22.22 8.62
CA VAL B 187 -1.32 -22.00 7.68
C VAL B 187 -2.51 -22.89 8.07
N ASP B 188 -3.72 -22.32 8.00
CA ASP B 188 -4.91 -23.04 8.40
C ASP B 188 -5.51 -23.88 7.28
N ARG B 189 -5.64 -23.31 6.08
CA ARG B 189 -6.31 -23.97 4.97
C ARG B 189 -5.50 -23.76 3.70
N VAL B 190 -5.43 -24.80 2.87
CA VAL B 190 -4.68 -24.78 1.62
C VAL B 190 -5.60 -25.18 0.47
N PHE B 191 -5.77 -24.28 -0.49
CA PHE B 191 -6.49 -24.56 -1.72
C PHE B 191 -5.48 -24.82 -2.85
N THR B 192 -5.72 -25.88 -3.62
CA THR B 192 -4.81 -26.22 -4.73
C THR B 192 -5.28 -25.56 -6.04
N ILE B 193 -5.25 -24.23 -6.03
CA ILE B 193 -5.59 -23.42 -7.18
C ILE B 193 -4.50 -22.37 -7.37
N GLY B 194 -4.51 -21.73 -8.55
CA GLY B 194 -3.48 -20.76 -8.86
C GLY B 194 -3.92 -19.73 -9.88
N GLY B 195 -2.96 -18.95 -10.38
CA GLY B 195 -3.24 -17.96 -11.39
C GLY B 195 -4.24 -16.91 -10.97
N ALA B 196 -4.84 -16.27 -11.99
CA ALA B 196 -5.78 -15.18 -11.74
C ALA B 196 -7.06 -15.66 -11.10
N GLN B 197 -7.45 -16.92 -11.33
CA GLN B 197 -8.68 -17.43 -10.73
C GLN B 197 -8.54 -17.55 -9.21
N ALA B 198 -7.36 -17.96 -8.73
CA ALA B 198 -7.14 -18.02 -7.29
C ALA B 198 -7.14 -16.65 -6.67
N VAL B 199 -6.48 -15.67 -7.32
CA VAL B 199 -6.52 -14.30 -6.83
C VAL B 199 -7.96 -13.79 -6.81
N ALA B 200 -8.74 -14.13 -7.83
CA ALA B 200 -10.14 -13.74 -7.85
C ALA B 200 -10.92 -14.38 -6.72
N ALA B 201 -10.68 -15.68 -6.48
CA ALA B 201 -11.41 -16.40 -5.44
C ALA B 201 -11.16 -15.79 -4.06
N LEU B 202 -9.92 -15.39 -3.77
CA LEU B 202 -9.64 -14.81 -2.46
C LEU B 202 -10.18 -13.38 -2.36
N ALA B 203 -10.09 -12.62 -3.45
CA ALA B 203 -10.46 -11.21 -3.41
C ALA B 203 -11.96 -11.03 -3.22
N TYR B 204 -12.76 -11.77 -4.00
CA TYR B 204 -14.21 -11.62 -3.96
C TYR B 204 -14.90 -12.73 -3.17
N GLY B 205 -14.32 -13.92 -3.14
CA GLY B 205 -14.92 -15.02 -2.41
C GLY B 205 -15.76 -15.91 -3.29
N THR B 206 -15.71 -17.21 -3.05
CA THR B 206 -16.61 -18.16 -3.66
C THR B 206 -17.39 -18.86 -2.54
N GLU B 207 -18.15 -19.88 -2.91
CA GLU B 207 -18.89 -20.64 -1.89
C GLU B 207 -17.94 -21.44 -1.01
N SER B 208 -16.76 -21.77 -1.52
CA SER B 208 -15.80 -22.59 -0.78
C SER B 208 -14.51 -21.86 -0.43
N VAL B 209 -14.22 -20.73 -1.07
CA VAL B 209 -13.01 -19.96 -0.80
C VAL B 209 -13.44 -18.70 -0.04
N PRO B 210 -12.91 -18.45 1.15
CA PRO B 210 -13.31 -17.26 1.90
C PRO B 210 -12.68 -16.00 1.33
N ARG B 211 -13.43 -14.91 1.37
CA ARG B 211 -12.90 -13.61 1.00
C ARG B 211 -11.97 -13.10 2.09
N VAL B 212 -10.75 -12.75 1.72
CA VAL B 212 -9.73 -12.38 2.67
C VAL B 212 -9.60 -10.86 2.70
N ASP B 213 -8.91 -10.34 3.72
CA ASP B 213 -8.66 -8.91 3.83
C ASP B 213 -7.42 -8.49 3.04
N LYS B 214 -6.42 -9.35 2.94
CA LYS B 214 -5.21 -9.04 2.19
C LYS B 214 -4.72 -10.27 1.45
N ILE B 215 -4.25 -10.07 0.23
CA ILE B 215 -3.61 -11.10 -0.57
C ILE B 215 -2.13 -10.75 -0.70
N VAL B 216 -1.27 -11.73 -0.43
CA VAL B 216 0.18 -11.53 -0.53
C VAL B 216 0.78 -12.69 -1.31
N GLY B 217 2.02 -12.47 -1.78
CA GLY B 217 2.77 -13.51 -2.44
C GLY B 217 3.20 -13.16 -3.86
N PRO B 218 4.26 -13.80 -4.33
CA PRO B 218 4.72 -13.56 -5.70
C PRO B 218 4.01 -14.47 -6.68
N GLY B 219 4.06 -14.08 -7.94
CA GLY B 219 3.42 -14.86 -8.97
C GLY B 219 3.85 -14.42 -10.35
N ASN B 220 3.33 -15.14 -11.36
CA ASN B 220 3.67 -14.84 -12.74
C ASN B 220 2.84 -13.69 -13.27
N ILE B 221 2.75 -13.57 -14.59
CA ILE B 221 2.07 -12.42 -15.20
C ILE B 221 0.59 -12.43 -14.87
N TYR B 222 -0.02 -13.61 -14.74
CA TYR B 222 -1.44 -13.68 -14.42
C TYR B 222 -1.71 -13.31 -12.97
N VAL B 223 -0.86 -13.77 -12.05
CA VAL B 223 -1.01 -13.38 -10.65
C VAL B 223 -0.78 -11.89 -10.48
N ALA B 224 0.30 -11.38 -11.09
CA ALA B 224 0.61 -9.96 -10.99
C ALA B 224 -0.53 -9.11 -11.58
N THR B 225 -1.01 -9.49 -12.76
CA THR B 225 -2.08 -8.73 -13.40
C THR B 225 -3.38 -8.84 -12.61
N ALA B 226 -3.70 -10.03 -12.11
CA ALA B 226 -4.89 -10.18 -11.28
C ALA B 226 -4.79 -9.36 -10.00
N LYS B 227 -3.57 -9.19 -9.47
CA LYS B 227 -3.43 -8.46 -8.21
C LYS B 227 -3.72 -6.97 -8.40
N ARG B 228 -3.30 -6.39 -9.54
CA ARG B 228 -3.56 -4.97 -9.74
C ARG B 228 -5.02 -4.70 -10.03
N HIS B 229 -5.75 -5.68 -10.56
CA HIS B 229 -7.17 -5.48 -10.83
C HIS B 229 -7.98 -5.47 -9.54
N VAL B 230 -7.69 -6.38 -8.62
CA VAL B 230 -8.45 -6.50 -7.38
C VAL B 230 -8.02 -5.43 -6.39
N PHE B 231 -7.06 -4.60 -6.77
CA PHE B 231 -6.65 -3.49 -5.93
C PHE B 231 -7.82 -2.56 -5.68
N GLY B 232 -8.11 -2.34 -4.40
CA GLY B 232 -9.29 -1.57 -4.02
C GLY B 232 -10.36 -2.47 -3.43
N GLN B 233 -10.57 -3.63 -4.06
CA GLN B 233 -11.49 -4.62 -3.50
C GLN B 233 -10.88 -5.34 -2.31
N VAL B 234 -9.57 -5.59 -2.36
CA VAL B 234 -8.88 -6.35 -1.32
C VAL B 234 -7.46 -5.81 -1.21
N GLY B 235 -6.91 -5.86 0.01
CA GLY B 235 -5.55 -5.42 0.20
C GLY B 235 -4.55 -6.32 -0.51
N ILE B 236 -3.44 -5.72 -0.95
CA ILE B 236 -2.35 -6.44 -1.59
C ILE B 236 -1.03 -5.89 -1.07
N ASP B 237 -0.01 -6.76 -1.03
CA ASP B 237 1.32 -6.31 -0.65
C ASP B 237 1.89 -5.41 -1.74
N MET B 238 2.87 -5.89 -2.47
CA MET B 238 3.39 -5.18 -3.63
C MET B 238 3.35 -6.12 -4.82
N ILE B 239 2.80 -5.63 -5.94
CA ILE B 239 2.93 -6.37 -7.18
C ILE B 239 4.40 -6.46 -7.53
N ALA B 240 4.86 -7.67 -7.83
CA ALA B 240 6.25 -7.90 -8.16
C ALA B 240 6.42 -7.94 -9.67
N GLY B 241 7.39 -7.17 -10.17
CA GLY B 241 7.64 -7.13 -11.59
C GLY B 241 8.15 -8.47 -12.10
N PRO B 242 8.47 -8.51 -13.39
CA PRO B 242 8.99 -9.75 -13.99
C PRO B 242 10.26 -10.21 -13.30
N SER B 243 10.39 -11.53 -13.17
CA SER B 243 11.57 -12.13 -12.58
C SER B 243 12.83 -11.67 -13.30
N GLU B 244 13.75 -11.06 -12.55
CA GLU B 244 14.96 -10.53 -13.15
C GLU B 244 16.10 -10.55 -12.14
N ILE B 245 17.32 -10.58 -12.67
CA ILE B 245 18.52 -10.24 -11.90
C ILE B 245 19.41 -9.38 -12.80
N LEU B 246 19.96 -8.32 -12.23
CA LEU B 246 21.05 -7.58 -12.85
C LEU B 246 22.28 -7.75 -11.97
N VAL B 247 23.30 -8.40 -12.51
CA VAL B 247 24.58 -8.54 -11.84
C VAL B 247 25.54 -7.51 -12.43
N VAL B 248 26.14 -6.71 -11.55
CA VAL B 248 27.19 -5.76 -11.94
C VAL B 248 28.49 -6.23 -11.28
N CYS B 249 29.47 -6.61 -12.11
CA CYS B 249 30.72 -7.15 -11.60
C CYS B 249 31.91 -6.35 -12.14
N ASP B 250 32.94 -6.21 -11.32
CA ASP B 250 34.18 -5.55 -11.71
C ASP B 250 35.21 -6.52 -12.28
N GLY B 251 34.85 -7.79 -12.44
CA GLY B 251 35.75 -8.77 -13.02
C GLY B 251 36.60 -9.52 -12.02
N GLN B 252 36.43 -9.26 -10.73
CA GLN B 252 37.21 -9.92 -9.69
C GLN B 252 36.42 -10.99 -8.95
N THR B 253 35.23 -11.35 -9.44
CA THR B 253 34.48 -12.48 -8.89
C THR B 253 34.69 -13.69 -9.80
N ASP B 254 34.83 -14.86 -9.17
CA ASP B 254 34.93 -16.12 -9.88
C ASP B 254 33.87 -16.20 -10.99
N PRO B 255 34.27 -16.40 -12.25
CA PRO B 255 33.27 -16.38 -13.33
C PRO B 255 32.26 -17.50 -13.25
N ASP B 256 32.59 -18.62 -12.61
CA ASP B 256 31.61 -19.68 -12.41
C ASP B 256 30.53 -19.24 -11.41
N TRP B 257 30.94 -18.57 -10.33
CA TRP B 257 29.96 -18.01 -9.40
C TRP B 257 28.98 -17.09 -10.12
N ILE B 258 29.51 -16.19 -10.95
CA ILE B 258 28.66 -15.23 -11.66
C ILE B 258 27.74 -15.96 -12.64
N ALA B 259 28.27 -16.96 -13.35
CA ALA B 259 27.45 -17.75 -14.25
C ALA B 259 26.35 -18.47 -13.49
N MET B 260 26.71 -19.12 -12.38
CA MET B 260 25.72 -19.82 -11.57
C MET B 260 24.72 -18.85 -10.95
N ASP B 261 25.17 -17.66 -10.54
CA ASP B 261 24.23 -16.65 -10.06
C ASP B 261 23.23 -16.28 -11.14
N LEU B 262 23.72 -16.11 -12.38
CA LEU B 262 22.81 -15.87 -13.50
C LEU B 262 21.95 -17.10 -13.78
N PHE B 263 22.53 -18.30 -13.67
CA PHE B 263 21.75 -19.52 -13.84
C PHE B 263 20.59 -19.57 -12.85
N SER B 264 20.82 -19.15 -11.60
CA SER B 264 19.82 -19.30 -10.55
C SER B 264 18.56 -18.49 -10.87
N GLN B 265 18.72 -17.27 -11.35
CA GLN B 265 17.54 -16.53 -11.80
C GLN B 265 16.97 -17.15 -13.06
N ALA B 266 17.84 -17.68 -13.94
CA ALA B 266 17.39 -18.23 -15.22
C ALA B 266 16.58 -19.51 -15.04
N GLU B 267 16.88 -20.31 -14.02
CA GLU B 267 16.18 -21.57 -13.82
C GLU B 267 14.77 -21.40 -13.26
N HIS B 268 14.37 -20.16 -12.94
CA HIS B 268 13.02 -19.92 -12.43
C HIS B 268 11.97 -20.29 -13.45
N ASP B 269 12.03 -19.65 -14.62
CA ASP B 269 11.03 -19.82 -15.67
C ASP B 269 11.65 -19.31 -16.96
N GLU B 270 11.06 -19.74 -18.08
CA GLU B 270 11.64 -19.42 -19.39
C GLU B 270 11.58 -17.93 -19.71
N ASP B 271 10.72 -17.17 -19.04
CA ASP B 271 10.64 -15.73 -19.24
C ASP B 271 11.59 -14.94 -18.34
N ALA B 272 12.45 -15.62 -17.59
CA ALA B 272 13.33 -14.94 -16.64
C ALA B 272 14.41 -14.15 -17.37
N GLN B 273 14.78 -13.01 -16.79
CA GLN B 273 15.75 -12.08 -17.36
C GLN B 273 17.00 -12.06 -16.50
N SER B 274 18.12 -12.51 -17.05
CA SER B 274 19.41 -12.51 -16.36
C SER B 274 20.41 -11.70 -17.18
N ILE B 275 20.89 -10.60 -16.62
CA ILE B 275 21.78 -9.68 -17.31
C ILE B 275 23.01 -9.42 -16.45
N LEU B 276 24.19 -9.49 -17.07
CA LEU B 276 25.46 -9.17 -16.42
C LEU B 276 26.09 -7.96 -17.10
N VAL B 277 26.58 -7.01 -16.30
CA VAL B 277 27.27 -5.82 -16.78
C VAL B 277 28.66 -5.78 -16.15
N SER B 278 29.69 -5.55 -16.99
CA SER B 278 31.05 -5.43 -16.47
C SER B 278 31.93 -4.64 -17.42
N PRO B 279 32.84 -3.80 -16.90
CA PRO B 279 33.85 -3.18 -17.77
C PRO B 279 35.01 -4.08 -18.12
N ASP B 280 35.15 -5.24 -17.47
CA ASP B 280 36.27 -6.15 -17.70
C ASP B 280 35.93 -7.09 -18.85
N ALA B 281 36.60 -6.89 -19.99
CA ALA B 281 36.26 -7.65 -21.19
C ALA B 281 36.71 -9.10 -21.08
N ALA B 282 37.93 -9.33 -20.57
CA ALA B 282 38.42 -10.70 -20.44
C ALA B 282 37.58 -11.49 -19.44
N PHE B 283 37.10 -10.82 -18.38
CA PHE B 283 36.21 -11.47 -17.44
C PHE B 283 34.92 -11.91 -18.12
N LEU B 284 34.37 -11.05 -18.98
CA LEU B 284 33.12 -11.39 -19.67
C LEU B 284 33.32 -12.61 -20.57
N ASP B 285 34.48 -12.71 -21.21
CA ASP B 285 34.77 -13.91 -21.99
C ASP B 285 34.81 -15.16 -21.11
N ARG B 286 35.39 -15.04 -19.92
CA ARG B 286 35.44 -16.18 -19.00
C ARG B 286 34.04 -16.55 -18.52
N VAL B 287 33.18 -15.56 -18.28
CA VAL B 287 31.80 -15.85 -17.91
C VAL B 287 31.09 -16.60 -19.03
N ALA B 288 31.40 -16.24 -20.28
CA ALA B 288 30.86 -16.98 -21.41
C ALA B 288 31.40 -18.40 -21.44
N ASP B 289 32.71 -18.56 -21.18
CA ASP B 289 33.28 -19.89 -21.08
C ASP B 289 32.67 -20.66 -19.90
N SER B 290 32.47 -19.97 -18.77
CA SER B 290 31.85 -20.61 -17.62
C SER B 290 30.42 -21.05 -17.92
N ILE B 291 29.65 -20.20 -18.62
CA ILE B 291 28.27 -20.56 -18.95
C ILE B 291 28.23 -21.79 -19.84
N ALA B 292 29.08 -21.82 -20.88
CA ALA B 292 29.06 -22.94 -21.81
C ALA B 292 29.46 -24.25 -21.12
N ARG B 293 30.51 -24.20 -20.29
CA ARG B 293 30.92 -25.40 -19.56
C ARG B 293 29.83 -25.89 -18.63
N LEU B 294 29.27 -24.99 -17.82
CA LEU B 294 28.40 -25.40 -16.71
C LEU B 294 26.99 -25.74 -17.15
N LEU B 295 26.48 -25.13 -18.23
CA LEU B 295 25.06 -25.27 -18.55
C LEU B 295 24.61 -26.71 -18.80
N PRO B 296 25.27 -27.51 -19.65
CA PRO B 296 24.69 -28.82 -19.99
C PRO B 296 24.40 -29.71 -18.78
N THR B 297 25.26 -29.66 -17.76
CA THR B 297 25.08 -30.49 -16.56
C THR B 297 23.91 -30.02 -15.70
N MET B 298 23.46 -28.78 -15.87
CA MET B 298 22.39 -28.25 -15.03
C MET B 298 21.11 -29.06 -15.18
N GLU B 299 20.49 -29.41 -14.04
CA GLU B 299 19.29 -30.23 -14.05
C GLU B 299 18.10 -29.52 -14.69
N ARG B 300 18.09 -28.20 -14.71
CA ARG B 300 17.08 -27.42 -15.43
C ARG B 300 17.69 -26.69 -16.61
N ALA B 301 18.65 -27.35 -17.28
CA ALA B 301 19.37 -26.70 -18.38
C ALA B 301 18.44 -26.26 -19.50
N GLU B 302 17.28 -26.91 -19.65
CA GLU B 302 16.37 -26.50 -20.71
C GLU B 302 15.70 -25.17 -20.37
N ILE B 303 15.31 -24.98 -19.11
CA ILE B 303 14.70 -23.72 -18.69
C ILE B 303 15.72 -22.60 -18.74
N ILE B 304 16.95 -22.88 -18.29
CA ILE B 304 18.00 -21.86 -18.26
C ILE B 304 18.35 -21.43 -19.67
N ARG B 305 18.56 -22.41 -20.57
CA ARG B 305 18.90 -22.08 -21.95
C ARG B 305 17.81 -21.25 -22.61
N THR B 306 16.54 -21.57 -22.34
CA THR B 306 15.44 -20.82 -22.94
C THR B 306 15.41 -19.38 -22.46
N SER B 307 15.56 -19.17 -21.14
CA SER B 307 15.49 -17.81 -20.61
C SER B 307 16.68 -16.98 -21.04
N LEU B 308 17.87 -17.58 -21.04
CA LEU B 308 19.06 -16.88 -21.49
C LEU B 308 18.94 -16.47 -22.96
N GLU B 309 18.47 -17.39 -23.82
CA GLU B 309 18.25 -17.05 -25.21
C GLU B 309 17.28 -15.88 -25.37
N GLY B 310 16.18 -15.90 -24.62
CA GLY B 310 15.18 -14.87 -24.76
C GLY B 310 15.59 -13.53 -24.17
N ARG B 311 16.19 -13.55 -22.96
CA ARG B 311 16.45 -12.31 -22.24
C ARG B 311 17.84 -12.20 -21.63
N GLY B 312 18.67 -13.23 -21.72
CA GLY B 312 20.01 -13.14 -21.16
C GLY B 312 20.89 -12.20 -21.95
N ALA B 313 21.90 -11.65 -21.27
CA ALA B 313 22.83 -10.73 -21.92
C ALA B 313 24.09 -10.58 -21.08
N LEU B 314 25.23 -10.54 -21.76
CA LEU B 314 26.52 -10.15 -21.18
C LEU B 314 26.90 -8.81 -21.79
N ILE B 315 26.85 -7.75 -20.99
CA ILE B 315 26.99 -6.38 -21.49
C ILE B 315 28.35 -5.82 -21.09
N GLN B 316 29.10 -5.36 -22.08
CA GLN B 316 30.38 -4.71 -21.85
C GLN B 316 30.18 -3.20 -21.82
N VAL B 317 30.78 -2.55 -20.81
CA VAL B 317 30.70 -1.11 -20.67
C VAL B 317 32.12 -0.55 -20.61
N ALA B 318 32.22 0.77 -20.76
CA ALA B 318 33.54 1.40 -20.81
C ALA B 318 34.18 1.45 -19.43
N ASP B 319 33.41 1.80 -18.40
CA ASP B 319 33.97 2.00 -17.06
C ASP B 319 32.85 1.87 -16.04
N GLN B 320 33.22 2.09 -14.78
CA GLN B 320 32.25 1.94 -13.69
C GLN B 320 31.08 2.89 -13.87
N ALA B 321 31.35 4.12 -14.34
CA ALA B 321 30.28 5.09 -14.54
C ALA B 321 29.30 4.62 -15.59
N GLN B 322 29.80 4.07 -16.70
CA GLN B 322 28.88 3.56 -17.71
C GLN B 322 28.12 2.35 -17.18
N ALA B 323 28.79 1.50 -16.38
CA ALA B 323 28.11 0.36 -15.76
C ALA B 323 26.93 0.82 -14.93
N CYS B 324 27.11 1.90 -14.16
CA CYS B 324 26.01 2.42 -13.35
C CYS B 324 24.93 3.06 -14.20
N ALA B 325 25.31 3.68 -15.33
CA ALA B 325 24.31 4.24 -16.23
C ALA B 325 23.44 3.14 -16.82
N VAL B 326 24.07 2.08 -17.33
CA VAL B 326 23.33 0.93 -17.86
C VAL B 326 22.43 0.34 -16.78
N ALA B 327 22.93 0.29 -15.54
CA ALA B 327 22.14 -0.25 -14.44
C ALA B 327 20.91 0.60 -14.15
N ASN B 328 21.05 1.93 -14.24
CA ASN B 328 19.91 2.80 -13.98
C ASN B 328 18.88 2.76 -15.11
N ARG B 329 19.34 2.52 -16.34
CA ARG B 329 18.40 2.29 -17.44
C ARG B 329 17.61 1.00 -17.22
N ILE B 330 18.30 -0.09 -16.84
CA ILE B 330 17.63 -1.36 -16.63
C ILE B 330 16.68 -1.27 -15.44
N ALA B 331 17.05 -0.50 -14.42
CA ALA B 331 16.25 -0.27 -13.20
C ALA B 331 15.84 -1.58 -12.54
N PRO B 332 16.79 -2.40 -12.08
CA PRO B 332 16.43 -3.74 -11.61
C PRO B 332 15.75 -3.73 -10.25
N GLU B 333 14.80 -4.65 -10.08
CA GLU B 333 14.24 -4.89 -8.75
C GLU B 333 15.26 -5.57 -7.84
N HIS B 334 16.14 -6.38 -8.41
CA HIS B 334 17.19 -7.08 -7.67
C HIS B 334 18.52 -6.79 -8.35
N LEU B 335 19.44 -6.22 -7.61
CA LEU B 335 20.77 -5.88 -8.12
C LEU B 335 21.81 -6.64 -7.33
N GLU B 336 22.69 -7.36 -8.02
CA GLU B 336 23.82 -8.05 -7.40
C GLU B 336 25.09 -7.23 -7.64
N LEU B 337 25.59 -6.59 -6.59
CA LEU B 337 26.77 -5.73 -6.71
C LEU B 337 28.01 -6.53 -6.38
N SER B 338 28.46 -7.32 -7.36
CA SER B 338 29.62 -8.19 -7.19
C SER B 338 30.90 -7.41 -7.50
N VAL B 339 31.24 -6.49 -6.60
CA VAL B 339 32.42 -5.64 -6.74
C VAL B 339 33.14 -5.55 -5.40
N ALA B 340 34.35 -4.99 -5.45
CA ALA B 340 35.18 -4.91 -4.26
C ALA B 340 34.78 -3.75 -3.34
N ASP B 341 34.24 -2.68 -3.90
CA ASP B 341 33.87 -1.49 -3.12
C ASP B 341 32.39 -1.19 -3.35
N PRO B 342 31.49 -2.10 -2.95
CA PRO B 342 30.09 -1.94 -3.36
C PRO B 342 29.41 -0.72 -2.77
N GLU B 343 29.78 -0.31 -1.54
CA GLU B 343 29.26 0.95 -1.00
C GLU B 343 29.73 2.16 -1.80
N SER B 344 30.81 2.03 -2.59
CA SER B 344 31.25 3.12 -3.45
C SER B 344 30.53 3.15 -4.79
N TRP B 345 29.90 2.05 -5.20
CA TRP B 345 29.07 2.04 -6.39
C TRP B 345 27.65 2.50 -6.12
N LEU B 346 27.17 2.32 -4.88
CA LEU B 346 25.77 2.61 -4.57
C LEU B 346 25.35 4.06 -4.80
N PRO B 347 26.16 5.09 -4.50
CA PRO B 347 25.70 6.47 -4.74
C PRO B 347 25.22 6.73 -6.17
N GLU B 348 25.86 6.16 -7.18
CA GLU B 348 25.48 6.39 -8.57
C GLU B 348 24.43 5.39 -9.06
N ILE B 349 23.90 4.55 -8.18
CA ILE B 349 22.85 3.61 -8.54
C ILE B 349 21.55 4.02 -7.86
N ARG B 350 20.73 4.78 -8.57
CA ARG B 350 19.54 5.37 -7.94
C ARG B 350 18.28 4.53 -8.14
N HIS B 351 18.23 3.67 -9.15
CA HIS B 351 17.03 2.90 -9.46
C HIS B 351 17.31 1.42 -9.24
N ALA B 352 17.11 0.96 -8.02
CA ALA B 352 17.30 -0.45 -7.69
C ALA B 352 16.60 -0.75 -6.37
N GLY B 353 15.82 -1.83 -6.36
CA GLY B 353 15.17 -2.27 -5.14
C GLY B 353 16.13 -2.94 -4.18
N ALA B 354 16.10 -4.27 -4.11
CA ALA B 354 16.97 -5.04 -3.24
C ALA B 354 18.37 -5.14 -3.83
N ILE B 355 19.38 -4.99 -2.99
CA ILE B 355 20.77 -5.00 -3.43
C ILE B 355 21.54 -6.07 -2.66
N PHE B 356 22.18 -6.96 -3.40
CA PHE B 356 23.13 -7.91 -2.85
C PHE B 356 24.52 -7.36 -3.12
N MET B 357 25.31 -7.19 -2.07
CA MET B 357 26.60 -6.52 -2.16
C MET B 357 27.74 -7.50 -1.93
N GLY B 358 28.77 -7.39 -2.75
CA GLY B 358 29.97 -8.18 -2.57
C GLY B 358 29.92 -9.51 -3.30
N ARG B 359 30.97 -10.29 -3.10
CA ARG B 359 31.18 -11.53 -3.82
C ARG B 359 30.49 -12.73 -3.17
N TYR B 360 30.01 -12.58 -1.94
CA TYR B 360 29.48 -13.71 -1.19
C TYR B 360 27.96 -13.74 -1.11
N THR B 361 27.28 -12.79 -1.74
CA THR B 361 25.83 -12.69 -1.63
C THR B 361 25.18 -12.75 -3.00
N ALA B 362 24.12 -13.54 -3.11
CA ALA B 362 23.43 -13.72 -4.38
C ALA B 362 21.94 -13.92 -4.12
N GLU B 363 21.17 -14.06 -5.20
CA GLU B 363 19.72 -14.15 -5.11
C GLU B 363 19.28 -15.36 -4.28
N ALA B 364 20.00 -16.47 -4.38
CA ALA B 364 19.62 -17.67 -3.66
C ALA B 364 19.54 -17.42 -2.15
N LEU B 365 20.41 -16.56 -1.62
CA LEU B 365 20.33 -16.20 -0.21
C LEU B 365 19.16 -15.27 0.06
N GLY B 366 18.93 -14.30 -0.84
CA GLY B 366 17.74 -13.47 -0.70
C GLY B 366 16.47 -14.27 -0.81
N ASP B 367 16.43 -15.26 -1.71
CA ASP B 367 15.22 -16.04 -1.92
C ASP B 367 14.83 -16.81 -0.67
N TYR B 368 15.80 -17.47 -0.03
CA TYR B 368 15.49 -18.44 1.01
C TYR B 368 15.64 -17.91 2.43
N CYS B 369 16.34 -16.78 2.61
CA CYS B 369 16.65 -16.30 3.94
C CYS B 369 16.25 -14.84 4.17
N ALA B 370 15.74 -14.15 3.16
CA ALA B 370 15.39 -12.72 3.25
C ALA B 370 14.10 -12.48 2.47
N GLY B 371 12.97 -12.67 3.15
CA GLY B 371 11.68 -12.49 2.53
C GLY B 371 10.97 -11.18 2.79
N PRO B 372 10.93 -10.70 4.04
CA PRO B 372 10.23 -9.44 4.31
C PRO B 372 11.03 -8.25 3.81
N ASN B 373 10.44 -7.46 2.90
CA ASN B 373 11.02 -6.26 2.32
C ASN B 373 12.44 -6.47 1.81
N HIS B 374 12.86 -7.73 1.70
CA HIS B 374 14.21 -8.14 1.30
C HIS B 374 15.25 -7.88 2.37
N VAL B 375 14.86 -7.65 3.62
CA VAL B 375 15.85 -7.54 4.69
C VAL B 375 16.03 -8.91 5.33
N LEU B 376 17.24 -9.20 5.74
CA LEU B 376 17.53 -10.46 6.41
C LEU B 376 17.06 -10.39 7.86
N PRO B 377 16.23 -11.31 8.31
CA PRO B 377 15.75 -11.27 9.69
C PRO B 377 16.81 -11.65 10.71
N THR B 378 17.28 -10.65 11.48
CA THR B 378 18.15 -10.87 12.63
C THR B 378 17.66 -10.01 13.78
N SER B 379 18.23 -10.24 14.97
CA SER B 379 17.91 -9.41 16.13
C SER B 379 18.33 -7.97 15.88
N GLY B 380 19.51 -7.76 15.28
CA GLY B 380 19.97 -6.41 15.01
C GLY B 380 19.14 -5.69 13.97
N THR B 381 18.68 -6.40 12.94
CA THR B 381 17.84 -5.77 11.94
C THR B 381 16.46 -5.44 12.48
N ALA B 382 16.05 -6.08 13.58
CA ALA B 382 14.71 -5.85 14.12
C ALA B 382 14.56 -4.44 14.68
N ARG B 383 15.64 -3.88 15.24
CA ARG B 383 15.59 -2.53 15.81
C ARG B 383 15.10 -1.48 14.83
N PHE B 384 15.05 -1.81 13.53
CA PHE B 384 14.70 -0.86 12.48
C PHE B 384 13.33 -1.23 11.94
N SER B 385 12.35 -0.36 12.18
CA SER B 385 10.95 -0.65 11.98
C SER B 385 10.58 -0.67 10.50
N SER B 386 9.50 -1.38 10.19
CA SER B 386 9.04 -1.54 8.83
C SER B 386 7.52 -1.67 8.82
N PRO B 387 6.83 -0.97 7.91
CA PRO B 387 5.41 -1.26 7.69
C PRO B 387 5.18 -2.60 7.04
N LEU B 388 6.23 -3.24 6.55
CA LEU B 388 6.15 -4.59 6.01
C LEU B 388 6.25 -5.61 7.14
N GLY B 389 5.89 -6.84 6.83
CA GLY B 389 5.91 -7.88 7.84
C GLY B 389 4.66 -7.82 8.69
N VAL B 390 4.85 -7.75 10.01
CA VAL B 390 3.72 -7.86 10.93
C VAL B 390 2.78 -6.66 10.78
N TYR B 391 3.35 -5.47 10.58
CA TYR B 391 2.54 -4.27 10.41
C TYR B 391 1.52 -4.45 9.28
N ASP B 392 1.91 -5.11 8.19
CA ASP B 392 1.05 -5.25 7.02
C ASP B 392 -0.14 -6.17 7.26
N PHE B 393 -0.06 -7.06 8.23
CA PHE B 393 -1.18 -7.93 8.57
C PHE B 393 -1.98 -7.40 9.76
N GLN B 394 -1.80 -6.12 10.08
CA GLN B 394 -2.50 -5.47 11.17
C GLN B 394 -3.26 -4.26 10.63
N LYS B 395 -4.32 -3.88 11.34
CA LYS B 395 -5.06 -2.66 11.04
C LYS B 395 -4.93 -1.71 12.22
N ARG B 396 -4.68 -0.43 11.94
CA ARG B 396 -4.41 0.57 12.97
C ARG B 396 -5.49 1.65 12.93
N SER B 397 -6.15 1.85 14.06
CA SER B 397 -7.19 2.86 14.22
C SER B 397 -6.68 3.93 15.16
N SER B 398 -6.55 5.15 14.67
CA SER B 398 -6.15 6.27 15.52
C SER B 398 -7.26 6.60 16.52
N ILE B 399 -6.86 7.12 17.67
CA ILE B 399 -7.75 7.34 18.80
C ILE B 399 -7.56 8.77 19.30
N ILE B 400 -8.67 9.47 19.51
CA ILE B 400 -8.64 10.76 20.19
C ILE B 400 -9.79 10.78 21.18
N ASN B 401 -9.47 11.04 22.45
CA ASN B 401 -10.45 11.15 23.53
C ASN B 401 -10.18 12.46 24.25
N CYS B 402 -10.84 13.53 23.81
CA CYS B 402 -10.61 14.85 24.40
C CYS B 402 -11.20 14.93 25.79
N SER B 403 -10.47 15.59 26.69
CA SER B 403 -11.07 16.06 27.93
C SER B 403 -11.93 17.28 27.63
N ALA B 404 -12.77 17.65 28.59
CA ALA B 404 -13.59 18.86 28.45
C ALA B 404 -12.72 20.07 28.13
N GLU B 405 -11.62 20.23 28.86
CA GLU B 405 -10.71 21.33 28.59
C GLU B 405 -10.03 21.16 27.23
N GLY B 406 -9.56 19.95 26.92
CA GLY B 406 -8.89 19.74 25.64
C GLY B 406 -9.78 20.04 24.46
N ALA B 407 -11.06 19.66 24.56
CA ALA B 407 -12.02 20.03 23.53
C ALA B 407 -12.15 21.53 23.41
N SER B 408 -12.05 22.25 24.54
CA SER B 408 -12.23 23.69 24.53
C SER B 408 -11.09 24.39 23.81
N VAL B 409 -9.85 23.99 24.06
CA VAL B 409 -8.73 24.63 23.39
C VAL B 409 -8.69 24.24 21.92
N LEU B 410 -8.93 22.96 21.63
CA LEU B 410 -8.91 22.51 20.24
C LEU B 410 -10.05 23.13 19.44
N GLY B 411 -11.23 23.26 20.06
CA GLY B 411 -12.37 23.81 19.36
C GLY B 411 -12.20 25.28 18.96
N ARG B 412 -11.47 26.05 19.77
CA ARG B 412 -11.19 27.43 19.41
C ARG B 412 -10.40 27.51 18.11
N THR B 413 -9.36 26.68 17.98
CA THR B 413 -8.58 26.65 16.74
C THR B 413 -9.40 26.07 15.59
N ALA B 414 -10.15 24.99 15.85
CA ALA B 414 -10.99 24.41 14.81
C ALA B 414 -12.03 25.41 14.31
N SER B 415 -12.66 26.13 15.24
CA SER B 415 -13.70 27.09 14.89
C SER B 415 -13.16 28.18 13.97
N VAL B 416 -11.96 28.69 14.26
CA VAL B 416 -11.38 29.76 13.44
C VAL B 416 -11.21 29.28 12.00
N LEU B 417 -10.63 28.10 11.82
CA LEU B 417 -10.36 27.61 10.48
C LEU B 417 -11.65 27.21 9.76
N ALA B 418 -12.57 26.55 10.47
CA ALA B 418 -13.83 26.14 9.85
C ALA B 418 -14.67 27.35 9.44
N ARG B 419 -14.78 28.36 10.32
CA ARG B 419 -15.53 29.55 9.96
C ARG B 419 -14.92 30.25 8.75
N GLY B 420 -13.59 30.35 8.70
CA GLY B 420 -12.95 30.94 7.54
C GLY B 420 -13.25 30.22 6.24
N GLU B 421 -13.69 28.97 6.32
CA GLU B 421 -14.01 28.17 5.13
C GLU B 421 -15.49 28.00 4.91
N SER B 422 -16.33 28.71 5.67
CA SER B 422 -17.79 28.63 5.54
C SER B 422 -18.29 27.20 5.80
N LEU B 423 -17.56 26.43 6.59
CA LEU B 423 -18.00 25.11 7.04
C LEU B 423 -18.59 25.23 8.44
N THR B 424 -19.77 25.85 8.50
CA THR B 424 -20.33 26.27 9.78
C THR B 424 -20.80 25.11 10.64
N ALA B 425 -21.13 23.95 10.06
CA ALA B 425 -21.46 22.80 10.88
C ALA B 425 -20.24 22.27 11.60
N HIS B 426 -19.10 22.18 10.90
CA HIS B 426 -17.83 21.89 11.56
C HIS B 426 -17.60 22.81 12.75
N ALA B 427 -17.76 24.12 12.51
CA ALA B 427 -17.44 25.11 13.54
C ALA B 427 -18.35 24.95 14.75
N ARG B 428 -19.66 24.80 14.51
CA ARG B 428 -20.60 24.77 15.61
C ARG B 428 -20.49 23.49 16.43
N SER B 429 -20.20 22.36 15.79
CA SER B 429 -20.03 21.13 16.58
C SER B 429 -18.81 21.23 17.49
N ALA B 430 -17.76 21.94 17.06
CA ALA B 430 -16.61 22.18 17.93
C ALA B 430 -16.93 23.21 19.01
N GLU B 431 -17.66 24.27 18.64
CA GLU B 431 -17.97 25.33 19.60
C GLU B 431 -18.90 24.85 20.71
N TYR B 432 -19.74 23.85 20.43
CA TYR B 432 -20.61 23.30 21.46
C TYR B 432 -19.83 22.84 22.68
N ARG B 433 -18.59 22.38 22.48
CA ARG B 433 -17.78 21.84 23.56
C ARG B 433 -16.83 22.86 24.17
N ILE B 434 -16.75 24.08 23.63
CA ILE B 434 -15.94 25.12 24.27
C ILE B 434 -16.57 25.48 25.60
N LEU B 435 -15.75 25.55 26.65
CA LEU B 435 -16.24 25.79 28.00
C LEU B 435 -15.69 27.10 28.54
N ASP B 436 -16.54 27.80 29.28
CA ASP B 436 -16.20 29.03 29.99
C ASP B 436 -16.77 28.91 31.39
N GLU B 437 -15.88 28.80 32.39
CA GLU B 437 -16.34 28.52 33.75
C GLU B 437 -17.24 29.62 34.29
N LYS B 438 -17.05 30.86 33.81
CA LYS B 438 -17.87 31.97 34.30
C LYS B 438 -19.31 31.87 33.86
N GLU B 439 -19.62 31.03 32.87
CA GLU B 439 -20.99 30.85 32.41
C GLU B 439 -21.77 30.02 33.42
N ALA B 440 -22.94 30.50 33.80
CA ALA B 440 -23.79 29.75 34.71
C ALA B 440 -24.92 29.09 33.94
#